data_1DUY
#
_entry.id   1DUY
#
_cell.length_a   50.340
_cell.length_b   62.860
_cell.length_c   74.840
_cell.angle_alpha   82.01
_cell.angle_beta   76.10
_cell.angle_gamma   77.96
#
_symmetry.space_group_name_H-M   'P 1'
#
loop_
_entity.id
_entity.type
_entity.pdbx_description
1 polymer HLA-A2*0201
2 polymer 'BETA-2 MICROGLOBULIN'
3 polymer 'HTLV-1 OCTAMERIC TAX PEPTIDE'
4 water water
#
loop_
_entity_poly.entity_id
_entity_poly.type
_entity_poly.pdbx_seq_one_letter_code
_entity_poly.pdbx_strand_id
1 'polypeptide(L)'
;GSHSMRYFFTSVSRPGRGEPRFIAVGYVDDTQFVRFDSDAASQRMEPRAPWIEQEGPEYWDGETRKVKAHSQTHRVDLGT
LRGYYNQSEAGSHTVQRMYGCDVGSDWRFLRGYHQYAYDGKDYIALKEDLRSWTAADMAAQTTKHKWEAAHVAEQLRAYL
EGTCVEWLRRYLENGKETLQRTDAPKTHMTHHAVSDHEATLRCWALSFYPAEITLTWQRDGEDQTQDTELVETRPAGDGT
FQKWAAVVVPSGQEQRYTCHVQHEGLPKPLTLRWE
;
A,D
2 'polypeptide(L)'
;MIQRTPKIQVYSRHPAENGKSNFLNCYVSGFHPSDIEVDLLKNGERIEKVEHSDLSFSKDWSFYLLYYTEFTPTEKDEYA
CRVNHVTLSQPKIVKWDRDM
;
B,E
3 'polypeptide(L)' LFGYPVYV C,F
#
# COMPACT_ATOMS: atom_id res chain seq x y z
N GLY A 1 -14.07 -19.86 -5.79
CA GLY A 1 -13.43 -19.07 -6.87
C GLY A 1 -13.40 -17.60 -6.51
N SER A 2 -13.38 -16.74 -7.52
CA SER A 2 -13.33 -15.30 -7.32
C SER A 2 -14.60 -14.66 -6.75
N HIS A 3 -14.43 -13.53 -6.04
CA HIS A 3 -15.55 -12.80 -5.46
C HIS A 3 -15.40 -11.28 -5.57
N SER A 4 -16.52 -10.57 -5.41
CA SER A 4 -16.53 -9.13 -5.49
C SER A 4 -17.46 -8.52 -4.47
N MET A 5 -17.23 -7.23 -4.22
CA MET A 5 -17.99 -6.43 -3.26
C MET A 5 -18.19 -5.12 -4.00
N ARG A 6 -19.42 -4.66 -4.15
CA ARG A 6 -19.61 -3.40 -4.85
C ARG A 6 -20.76 -2.60 -4.32
N TYR A 7 -20.51 -1.30 -4.20
CA TYR A 7 -21.45 -0.31 -3.72
C TYR A 7 -21.83 0.59 -4.90
N PHE A 8 -23.13 0.81 -5.05
CA PHE A 8 -23.67 1.62 -6.13
C PHE A 8 -24.44 2.80 -5.53
N PHE A 9 -24.17 3.98 -6.07
CA PHE A 9 -24.82 5.20 -5.61
C PHE A 9 -25.41 5.99 -6.77
N THR A 10 -26.67 6.37 -6.62
CA THR A 10 -27.37 7.17 -7.62
C THR A 10 -28.02 8.38 -6.95
N SER A 11 -27.72 9.57 -7.48
CA SER A 11 -28.30 10.79 -6.93
C SER A 11 -28.93 11.50 -8.12
N VAL A 12 -30.18 11.93 -7.98
CA VAL A 12 -30.92 12.59 -9.07
C VAL A 12 -31.59 13.88 -8.59
N SER A 13 -31.20 15.02 -9.16
CA SER A 13 -31.75 16.30 -8.75
C SER A 13 -33.20 16.48 -9.15
N ARG A 14 -33.95 17.10 -8.25
CA ARG A 14 -35.37 17.35 -8.44
C ARG A 14 -35.64 18.85 -8.38
N PRO A 15 -35.23 19.58 -9.42
CA PRO A 15 -35.42 21.03 -9.50
C PRO A 15 -36.80 21.46 -9.03
N GLY A 16 -36.83 22.10 -7.86
CA GLY A 16 -38.07 22.58 -7.28
C GLY A 16 -38.88 21.61 -6.44
N ARG A 17 -38.80 20.33 -6.75
CA ARG A 17 -39.58 19.35 -6.00
C ARG A 17 -38.76 18.75 -4.85
N GLY A 18 -38.10 19.65 -4.10
CA GLY A 18 -37.30 19.24 -2.95
C GLY A 18 -35.84 18.82 -3.12
N GLU A 19 -35.33 18.09 -2.13
CA GLU A 19 -33.96 17.61 -2.15
C GLU A 19 -33.77 16.55 -3.22
N PRO A 20 -32.51 16.33 -3.63
CA PRO A 20 -32.29 15.31 -4.64
C PRO A 20 -32.55 13.89 -4.06
N ARG A 21 -33.01 12.99 -4.93
CA ARG A 21 -33.27 11.60 -4.57
C ARG A 21 -31.92 10.86 -4.52
N PHE A 22 -31.72 10.05 -3.49
CA PHE A 22 -30.46 9.33 -3.36
C PHE A 22 -30.72 7.87 -3.02
N ILE A 23 -30.16 6.95 -3.81
CA ILE A 23 -30.32 5.53 -3.58
C ILE A 23 -28.97 4.77 -3.60
N ALA A 24 -28.68 4.04 -2.52
CA ALA A 24 -27.44 3.29 -2.42
C ALA A 24 -27.75 1.82 -2.21
N VAL A 25 -26.96 0.96 -2.85
CA VAL A 25 -27.11 -0.50 -2.71
C VAL A 25 -25.72 -1.11 -2.69
N GLY A 26 -25.56 -2.21 -1.95
CA GLY A 26 -24.28 -2.90 -1.89
C GLY A 26 -24.48 -4.36 -2.27
N TYR A 27 -23.54 -4.92 -3.03
CA TYR A 27 -23.64 -6.32 -3.47
C TYR A 27 -22.38 -7.12 -3.16
N VAL A 28 -22.55 -8.42 -3.02
CA VAL A 28 -21.42 -9.32 -2.87
C VAL A 28 -21.76 -10.23 -4.04
N ASP A 29 -20.86 -10.28 -5.01
CA ASP A 29 -21.11 -11.07 -6.20
C ASP A 29 -22.46 -10.59 -6.75
N ASP A 30 -23.36 -11.52 -7.02
CA ASP A 30 -24.68 -11.14 -7.55
C ASP A 30 -25.76 -11.09 -6.48
N THR A 31 -25.37 -11.02 -5.22
CA THR A 31 -26.34 -10.99 -4.13
C THR A 31 -26.32 -9.61 -3.45
N GLN A 32 -27.44 -8.89 -3.54
CA GLN A 32 -27.52 -7.58 -2.89
C GLN A 32 -27.63 -7.79 -1.39
N PHE A 33 -27.00 -6.93 -0.58
CA PHE A 33 -27.14 -7.11 0.87
C PHE A 33 -27.58 -5.90 1.73
N VAL A 34 -27.53 -4.68 1.17
CA VAL A 34 -27.99 -3.50 1.90
C VAL A 34 -28.55 -2.46 0.93
N ARG A 35 -29.24 -1.47 1.50
CA ARG A 35 -29.84 -0.40 0.72
C ARG A 35 -30.12 0.80 1.58
N PHE A 36 -30.15 1.95 0.93
CA PHE A 36 -30.49 3.19 1.58
C PHE A 36 -31.25 3.99 0.54
N ASP A 37 -32.43 4.46 0.92
CA ASP A 37 -33.25 5.27 0.04
C ASP A 37 -33.58 6.56 0.78
N SER A 38 -33.19 7.69 0.20
CA SER A 38 -33.42 9.00 0.80
C SER A 38 -34.90 9.33 0.95
N ASP A 39 -35.75 8.74 0.12
CA ASP A 39 -37.17 8.99 0.15
C ASP A 39 -37.92 8.07 1.11
N ALA A 40 -37.20 7.15 1.73
CA ALA A 40 -37.83 6.19 2.64
C ALA A 40 -38.00 6.71 4.06
N ALA A 41 -38.89 6.06 4.79
CA ALA A 41 -39.20 6.44 6.16
C ALA A 41 -38.09 6.23 7.19
N SER A 42 -37.43 5.06 7.16
CA SER A 42 -36.38 4.78 8.14
C SER A 42 -35.23 5.78 8.21
N GLN A 43 -34.70 6.16 7.06
CA GLN A 43 -33.54 7.05 7.00
C GLN A 43 -32.39 6.25 7.55
N ARG A 44 -32.40 4.95 7.28
CA ARG A 44 -31.32 4.08 7.74
C ARG A 44 -30.86 3.09 6.68
N MET A 45 -29.63 2.64 6.79
CA MET A 45 -29.12 1.63 5.88
C MET A 45 -29.92 0.40 6.35
N GLU A 46 -30.43 -0.38 5.40
CA GLU A 46 -31.23 -1.55 5.77
C GLU A 46 -30.70 -2.81 5.14
N PRO A 47 -30.98 -3.96 5.76
CA PRO A 47 -30.52 -5.25 5.23
C PRO A 47 -31.37 -5.74 4.07
N ARG A 48 -30.74 -6.39 3.08
CA ARG A 48 -31.51 -6.94 1.96
C ARG A 48 -31.16 -8.42 1.76
N ALA A 49 -30.38 -8.94 2.70
CA ALA A 49 -29.96 -10.33 2.67
C ALA A 49 -30.03 -10.93 4.08
N PRO A 50 -30.51 -12.17 4.18
CA PRO A 50 -30.64 -12.86 5.47
C PRO A 50 -29.38 -12.80 6.33
N TRP A 51 -28.22 -13.10 5.76
CA TRP A 51 -27.00 -13.09 6.57
C TRP A 51 -26.49 -11.80 7.20
N ILE A 52 -26.82 -10.66 6.62
CA ILE A 52 -26.33 -9.41 7.18
C ILE A 52 -27.31 -8.87 8.22
N GLU A 53 -28.46 -9.54 8.36
CA GLU A 53 -29.46 -9.08 9.30
C GLU A 53 -29.02 -9.17 10.75
N GLN A 54 -28.02 -10.00 11.02
CA GLN A 54 -27.59 -10.19 12.39
C GLN A 54 -26.39 -9.35 12.86
N GLU A 55 -25.93 -8.44 12.03
CA GLU A 55 -24.75 -7.64 12.32
C GLU A 55 -24.61 -6.97 13.70
N GLY A 56 -25.61 -6.25 14.17
CA GLY A 56 -25.49 -5.60 15.50
C GLY A 56 -25.70 -4.13 15.24
N PRO A 57 -26.15 -3.35 16.23
CA PRO A 57 -26.40 -1.92 16.02
C PRO A 57 -25.14 -1.12 15.68
N GLU A 58 -24.00 -1.54 16.23
CA GLU A 58 -22.76 -0.88 15.94
C GLU A 58 -22.60 -0.84 14.42
N TYR A 59 -22.83 -1.97 13.75
CA TYR A 59 -22.70 -2.07 12.29
C TYR A 59 -23.72 -1.16 11.59
N TRP A 60 -25.00 -1.38 11.89
CA TRP A 60 -26.03 -0.59 11.26
C TRP A 60 -25.94 0.91 11.46
N ASP A 61 -25.62 1.40 12.67
CA ASP A 61 -25.50 2.83 12.89
C ASP A 61 -24.30 3.35 12.11
N GLY A 62 -23.19 2.61 12.16
CA GLY A 62 -22.00 3.03 11.44
C GLY A 62 -22.25 3.18 9.94
N GLU A 63 -22.87 2.18 9.32
CA GLU A 63 -23.15 2.23 7.87
C GLU A 63 -24.24 3.27 7.55
N THR A 64 -25.20 3.44 8.44
CA THR A 64 -26.23 4.45 8.18
C THR A 64 -25.50 5.82 8.19
N ARG A 65 -24.53 5.96 9.08
CA ARG A 65 -23.79 7.23 9.19
C ARG A 65 -22.96 7.51 7.95
N LYS A 66 -22.20 6.53 7.49
CA LYS A 66 -21.37 6.73 6.31
C LYS A 66 -22.20 6.86 5.03
N VAL A 67 -23.35 6.19 4.95
CA VAL A 67 -24.18 6.33 3.73
C VAL A 67 -24.85 7.69 3.66
N LYS A 68 -25.17 8.26 4.84
CA LYS A 68 -25.79 9.59 4.89
C LYS A 68 -24.76 10.56 4.39
N ALA A 69 -23.52 10.40 4.85
CA ALA A 69 -22.41 11.26 4.40
C ALA A 69 -22.28 11.20 2.86
N HIS A 70 -22.35 10.01 2.26
CA HIS A 70 -22.27 9.87 0.79
C HIS A 70 -23.43 10.68 0.18
N SER A 71 -24.60 10.56 0.78
CA SER A 71 -25.79 11.27 0.32
C SER A 71 -25.45 12.76 0.19
N GLN A 72 -24.94 13.31 1.28
CA GLN A 72 -24.58 14.71 1.33
C GLN A 72 -23.52 15.13 0.31
N THR A 73 -22.42 14.38 0.21
CA THR A 73 -21.43 14.82 -0.76
C THR A 73 -22.02 14.78 -2.17
N HIS A 74 -22.92 13.84 -2.46
CA HIS A 74 -23.51 13.80 -3.81
C HIS A 74 -24.44 14.97 -4.02
N ARG A 75 -25.10 15.39 -2.96
CA ARG A 75 -25.99 16.53 -3.06
C ARG A 75 -25.12 17.74 -3.43
N VAL A 76 -23.94 17.87 -2.83
CA VAL A 76 -23.09 18.97 -3.21
C VAL A 76 -22.57 18.82 -4.64
N ASP A 77 -22.24 17.59 -5.04
CA ASP A 77 -21.72 17.34 -6.39
C ASP A 77 -22.67 17.80 -7.49
N LEU A 78 -23.97 17.60 -7.28
CA LEU A 78 -24.96 18.01 -8.25
C LEU A 78 -24.81 19.51 -8.56
N GLY A 79 -24.56 20.28 -7.49
CA GLY A 79 -24.37 21.71 -7.63
C GLY A 79 -23.07 21.99 -8.36
N THR A 80 -21.99 21.42 -7.84
CA THR A 80 -20.68 21.59 -8.43
C THR A 80 -20.69 21.35 -9.93
N LEU A 81 -21.27 20.23 -10.34
CA LEU A 81 -21.30 19.84 -11.75
C LEU A 81 -22.10 20.82 -12.60
N ARG A 82 -23.24 21.24 -12.07
CA ARG A 82 -24.11 22.17 -12.76
C ARG A 82 -23.25 23.38 -13.14
N GLY A 83 -22.39 23.80 -12.23
CA GLY A 83 -21.52 24.93 -12.49
C GLY A 83 -20.51 24.57 -13.57
N TYR A 84 -19.74 23.50 -13.34
CA TYR A 84 -18.73 23.02 -14.30
C TYR A 84 -19.21 22.99 -15.74
N TYR A 85 -20.51 22.72 -15.91
CA TYR A 85 -21.08 22.64 -17.24
C TYR A 85 -21.98 23.81 -17.57
N ASN A 86 -21.96 24.84 -16.73
CA ASN A 86 -22.78 26.02 -16.96
C ASN A 86 -24.18 25.53 -17.35
N GLN A 87 -24.78 24.70 -16.50
CA GLN A 87 -26.11 24.17 -16.78
C GLN A 87 -27.18 24.86 -15.98
N SER A 88 -28.37 24.89 -16.58
CA SER A 88 -29.54 25.53 -15.98
C SER A 88 -29.92 24.97 -14.62
N GLU A 89 -30.77 25.70 -13.92
CA GLU A 89 -31.23 25.29 -12.62
C GLU A 89 -32.49 24.41 -12.75
N ALA A 90 -33.24 24.60 -13.83
CA ALA A 90 -34.46 23.85 -14.02
C ALA A 90 -34.23 22.43 -14.48
N GLY A 91 -32.99 22.10 -14.79
CA GLY A 91 -32.72 20.76 -15.29
C GLY A 91 -32.45 19.68 -14.26
N SER A 92 -33.00 18.49 -14.54
CA SER A 92 -32.76 17.37 -13.65
C SER A 92 -31.52 16.65 -14.15
N HIS A 93 -30.57 16.41 -13.28
CA HIS A 93 -29.37 15.72 -13.69
C HIS A 93 -29.07 14.54 -12.78
N THR A 94 -28.21 13.64 -13.26
CA THR A 94 -27.86 12.44 -12.54
C THR A 94 -26.38 12.20 -12.32
N VAL A 95 -26.05 11.88 -11.07
CA VAL A 95 -24.69 11.53 -10.70
C VAL A 95 -24.74 10.09 -10.21
N GLN A 96 -23.79 9.27 -10.66
CA GLN A 96 -23.72 7.88 -10.23
C GLN A 96 -22.28 7.62 -9.81
N ARG A 97 -22.10 6.77 -8.80
CA ARG A 97 -20.76 6.44 -8.33
C ARG A 97 -20.72 4.97 -8.00
N MET A 98 -19.64 4.28 -8.37
CA MET A 98 -19.53 2.87 -8.02
C MET A 98 -18.13 2.59 -7.53
N TYR A 99 -18.01 1.85 -6.44
CA TYR A 99 -16.68 1.46 -5.99
C TYR A 99 -16.71 0.09 -5.33
N GLY A 100 -15.58 -0.60 -5.32
CA GLY A 100 -15.54 -1.92 -4.73
C GLY A 100 -14.24 -2.63 -5.00
N CYS A 101 -14.17 -3.90 -4.63
CA CYS A 101 -12.97 -4.69 -4.81
C CYS A 101 -13.26 -6.09 -5.30
N ASP A 102 -12.28 -6.71 -5.95
CA ASP A 102 -12.38 -8.10 -6.41
C ASP A 102 -11.23 -8.85 -5.73
N VAL A 103 -11.43 -10.14 -5.46
CA VAL A 103 -10.38 -10.99 -4.90
C VAL A 103 -10.46 -12.29 -5.68
N GLY A 104 -9.31 -12.89 -5.97
CA GLY A 104 -9.28 -14.12 -6.74
C GLY A 104 -9.72 -15.35 -5.99
N SER A 105 -9.47 -16.50 -6.63
CA SER A 105 -9.84 -17.79 -6.08
C SER A 105 -9.06 -18.04 -4.80
N ASP A 106 -7.94 -17.34 -4.63
CA ASP A 106 -7.11 -17.43 -3.42
C ASP A 106 -7.59 -16.44 -2.35
N TRP A 107 -8.66 -15.72 -2.65
CA TRP A 107 -9.27 -14.71 -1.76
C TRP A 107 -8.37 -13.54 -1.40
N ARG A 108 -7.40 -13.27 -2.25
CA ARG A 108 -6.48 -12.16 -2.02
C ARG A 108 -6.86 -11.00 -2.93
N PHE A 109 -6.56 -9.77 -2.49
CA PHE A 109 -6.88 -8.61 -3.30
C PHE A 109 -6.35 -8.76 -4.73
N LEU A 110 -7.26 -8.54 -5.69
CA LEU A 110 -6.95 -8.64 -7.11
C LEU A 110 -7.20 -7.35 -7.88
N ARG A 111 -8.27 -6.63 -7.56
CA ARG A 111 -8.57 -5.42 -8.31
C ARG A 111 -9.50 -4.49 -7.54
N GLY A 112 -9.26 -3.20 -7.63
CA GLY A 112 -10.11 -2.25 -6.97
C GLY A 112 -10.73 -1.29 -7.98
N TYR A 113 -11.89 -0.72 -7.67
CA TYR A 113 -12.55 0.24 -8.56
C TYR A 113 -13.11 1.42 -7.78
N HIS A 114 -13.26 2.55 -8.48
CA HIS A 114 -13.83 3.78 -7.94
C HIS A 114 -14.09 4.70 -9.13
N GLN A 115 -15.36 4.91 -9.47
CA GLN A 115 -15.71 5.72 -10.62
C GLN A 115 -17.04 6.49 -10.56
N TYR A 116 -17.08 7.63 -11.24
CA TYR A 116 -18.27 8.47 -11.28
C TYR A 116 -18.78 8.63 -12.71
N ALA A 117 -20.07 8.90 -12.83
CA ALA A 117 -20.70 9.13 -14.12
C ALA A 117 -21.67 10.28 -13.91
N TYR A 118 -21.73 11.21 -14.87
CA TYR A 118 -22.65 12.34 -14.82
C TYR A 118 -23.56 12.23 -16.05
N ASP A 119 -24.87 12.22 -15.80
CA ASP A 119 -25.88 12.09 -16.84
C ASP A 119 -25.64 10.96 -17.84
N GLY A 120 -25.26 9.81 -17.32
CA GLY A 120 -25.07 8.64 -18.14
C GLY A 120 -23.77 8.42 -18.87
N LYS A 121 -22.81 9.33 -18.77
CA LYS A 121 -21.51 9.12 -19.42
C LYS A 121 -20.40 9.14 -18.40
N ASP A 122 -19.31 8.43 -18.71
CA ASP A 122 -18.16 8.38 -17.81
C ASP A 122 -17.73 9.80 -17.51
N TYR A 123 -17.36 10.05 -16.26
CA TYR A 123 -16.89 11.37 -15.81
C TYR A 123 -15.44 11.19 -15.36
N ILE A 124 -15.22 10.42 -14.28
CA ILE A 124 -13.85 10.17 -13.83
C ILE A 124 -13.72 8.78 -13.19
N ALA A 125 -12.57 8.13 -13.43
CA ALA A 125 -12.33 6.82 -12.89
C ALA A 125 -10.92 6.64 -12.34
N LEU A 126 -10.81 5.85 -11.29
CA LEU A 126 -9.51 5.56 -10.71
C LEU A 126 -8.96 4.48 -11.63
N LYS A 127 -7.73 4.64 -12.12
CA LYS A 127 -7.16 3.59 -12.98
C LYS A 127 -6.82 2.35 -12.17
N GLU A 128 -6.60 1.24 -12.86
CA GLU A 128 -6.30 -0.02 -12.21
C GLU A 128 -5.09 0.09 -11.28
N ASP A 129 -4.12 0.91 -11.67
CA ASP A 129 -2.93 1.10 -10.85
C ASP A 129 -3.32 1.75 -9.52
N LEU A 130 -4.56 2.20 -9.44
CA LEU A 130 -5.11 2.85 -8.26
C LEU A 130 -4.25 4.01 -7.79
N ARG A 131 -3.52 4.64 -8.71
CA ARG A 131 -2.66 5.77 -8.32
C ARG A 131 -2.85 6.96 -9.25
N SER A 132 -3.58 6.75 -10.34
CA SER A 132 -3.79 7.81 -11.31
C SER A 132 -5.27 7.88 -11.73
N TRP A 133 -5.70 9.00 -12.31
CA TRP A 133 -7.08 9.16 -12.71
C TRP A 133 -7.32 9.31 -14.21
N THR A 134 -8.48 8.82 -14.65
CA THR A 134 -8.87 8.90 -16.06
C THR A 134 -10.06 9.86 -16.18
N ALA A 135 -9.81 11.03 -16.76
CA ALA A 135 -10.85 12.05 -16.94
C ALA A 135 -11.16 12.20 -18.44
N ALA A 136 -12.45 12.30 -18.78
CA ALA A 136 -12.86 12.45 -20.18
C ALA A 136 -13.08 13.92 -20.52
N ASP A 137 -14.13 14.48 -19.93
CA ASP A 137 -14.49 15.87 -20.16
C ASP A 137 -13.37 16.84 -19.76
N MET A 138 -13.53 18.09 -20.18
CA MET A 138 -12.58 19.14 -19.84
C MET A 138 -12.93 19.43 -18.39
N ALA A 139 -14.21 19.26 -18.07
CA ALA A 139 -14.71 19.50 -16.72
C ALA A 139 -14.09 18.49 -15.79
N ALA A 140 -14.06 17.24 -16.22
CA ALA A 140 -13.50 16.17 -15.42
C ALA A 140 -12.07 16.50 -15.02
N GLN A 141 -11.42 17.36 -15.79
CA GLN A 141 -10.03 17.75 -15.51
C GLN A 141 -9.95 18.44 -14.16
N THR A 142 -10.83 19.42 -13.97
CA THR A 142 -10.87 20.19 -12.72
C THR A 142 -10.94 19.24 -11.55
N THR A 143 -11.84 18.26 -11.63
CA THR A 143 -11.99 17.28 -10.56
C THR A 143 -10.73 16.44 -10.44
N LYS A 144 -10.18 16.03 -11.56
CA LYS A 144 -8.96 15.21 -11.51
C LYS A 144 -7.85 15.96 -10.78
N HIS A 145 -7.69 17.25 -11.07
CA HIS A 145 -6.65 18.05 -10.43
C HIS A 145 -6.94 18.11 -8.94
N LYS A 146 -8.17 18.45 -8.57
CA LYS A 146 -8.54 18.51 -7.16
C LYS A 146 -8.09 17.26 -6.40
N TRP A 147 -8.45 16.08 -6.92
CA TRP A 147 -8.14 14.84 -6.24
C TRP A 147 -6.67 14.47 -6.18
N GLU A 148 -5.90 14.89 -7.17
CA GLU A 148 -4.48 14.56 -7.18
C GLU A 148 -3.79 15.40 -6.11
N ALA A 149 -4.27 16.62 -5.95
CA ALA A 149 -3.74 17.62 -5.02
C ALA A 149 -4.09 17.35 -3.58
N ALA A 150 -5.24 16.72 -3.38
CA ALA A 150 -5.73 16.40 -2.05
C ALA A 150 -5.36 14.96 -1.73
N HIS A 151 -4.76 14.26 -2.69
CA HIS A 151 -4.33 12.88 -2.49
C HIS A 151 -5.47 11.93 -2.17
N VAL A 152 -6.48 11.94 -3.03
CA VAL A 152 -7.64 11.11 -2.86
C VAL A 152 -7.36 9.66 -3.25
N ALA A 153 -6.54 9.47 -4.26
CA ALA A 153 -6.23 8.11 -4.69
C ALA A 153 -5.63 7.31 -3.54
N GLU A 154 -4.62 7.88 -2.91
CA GLU A 154 -3.95 7.21 -1.80
C GLU A 154 -4.94 6.71 -0.75
N GLN A 155 -5.94 7.52 -0.41
CA GLN A 155 -6.94 7.12 0.58
C GLN A 155 -7.83 5.97 0.07
N LEU A 156 -8.24 6.05 -1.19
CA LEU A 156 -9.07 5.00 -1.75
C LEU A 156 -8.27 3.70 -1.92
N ARG A 157 -7.02 3.80 -2.34
CA ARG A 157 -6.21 2.61 -2.51
C ARG A 157 -6.18 1.82 -1.21
N ALA A 158 -5.80 2.50 -0.14
CA ALA A 158 -5.73 1.89 1.20
C ALA A 158 -7.05 1.22 1.55
N TYR A 159 -8.16 1.90 1.27
CA TYR A 159 -9.46 1.32 1.56
C TYR A 159 -9.77 0.12 0.67
N LEU A 160 -9.56 0.25 -0.63
CA LEU A 160 -9.82 -0.85 -1.57
C LEU A 160 -8.98 -2.11 -1.37
N GLU A 161 -7.73 -1.92 -0.94
CA GLU A 161 -6.78 -3.01 -0.71
C GLU A 161 -6.87 -3.62 0.69
N GLY A 162 -7.42 -2.85 1.63
CA GLY A 162 -7.53 -3.34 2.99
C GLY A 162 -8.98 -3.53 3.39
N THR A 163 -9.51 -2.52 4.05
CA THR A 163 -10.87 -2.54 4.55
C THR A 163 -11.88 -3.25 3.63
N CYS A 164 -11.95 -2.84 2.37
CA CYS A 164 -12.90 -3.43 1.41
C CYS A 164 -12.79 -4.94 1.36
N VAL A 165 -11.56 -5.42 1.22
CA VAL A 165 -11.28 -6.84 1.13
C VAL A 165 -11.54 -7.62 2.41
N GLU A 166 -11.22 -7.02 3.56
CA GLU A 166 -11.43 -7.70 4.83
C GLU A 166 -12.92 -7.92 5.06
N TRP A 167 -13.74 -6.93 4.72
CA TRP A 167 -15.17 -7.11 4.92
C TRP A 167 -15.74 -8.09 3.92
N LEU A 168 -15.18 -8.15 2.72
CA LEU A 168 -15.65 -9.09 1.71
C LEU A 168 -15.50 -10.52 2.22
N ARG A 169 -14.33 -10.85 2.75
CA ARG A 169 -14.19 -12.20 3.25
C ARG A 169 -14.92 -12.41 4.55
N ARG A 170 -15.22 -11.34 5.27
CA ARG A 170 -16.00 -11.52 6.50
C ARG A 170 -17.39 -11.94 6.06
N TYR A 171 -17.94 -11.27 5.06
CA TYR A 171 -19.28 -11.60 4.58
C TYR A 171 -19.31 -13.00 3.96
N LEU A 172 -18.24 -13.35 3.26
CA LEU A 172 -18.14 -14.66 2.63
C LEU A 172 -18.23 -15.76 3.67
N GLU A 173 -17.56 -15.57 4.81
CA GLU A 173 -17.62 -16.59 5.84
C GLU A 173 -18.97 -16.57 6.54
N ASN A 174 -19.40 -15.38 6.97
CA ASN A 174 -20.67 -15.21 7.67
C ASN A 174 -21.88 -15.58 6.79
N GLY A 175 -21.82 -15.27 5.51
CA GLY A 175 -22.93 -15.63 4.65
C GLY A 175 -22.63 -16.85 3.79
N LYS A 176 -21.67 -17.65 4.23
CA LYS A 176 -21.25 -18.84 3.48
C LYS A 176 -22.35 -19.60 2.74
N GLU A 177 -23.44 -19.94 3.43
CA GLU A 177 -24.50 -20.70 2.80
C GLU A 177 -25.11 -20.02 1.57
N THR A 178 -25.22 -18.71 1.63
CA THR A 178 -25.79 -17.94 0.55
C THR A 178 -24.75 -17.55 -0.49
N LEU A 179 -23.65 -16.96 -0.04
CA LEU A 179 -22.61 -16.46 -0.94
C LEU A 179 -21.63 -17.47 -1.52
N GLN A 180 -21.37 -18.54 -0.79
CA GLN A 180 -20.45 -19.55 -1.28
C GLN A 180 -21.22 -20.73 -1.86
N ARG A 181 -22.47 -20.49 -2.22
CA ARG A 181 -23.30 -21.55 -2.80
C ARG A 181 -23.22 -21.48 -4.30
N THR A 182 -23.86 -22.45 -4.93
CA THR A 182 -23.89 -22.50 -6.36
C THR A 182 -25.18 -23.23 -6.69
N ASP A 183 -26.02 -22.62 -7.50
CA ASP A 183 -27.26 -23.29 -7.89
C ASP A 183 -27.15 -23.58 -9.38
N ALA A 184 -26.99 -24.85 -9.73
CA ALA A 184 -26.88 -25.28 -11.12
C ALA A 184 -28.21 -25.01 -11.81
N PRO A 185 -28.20 -24.69 -13.10
CA PRO A 185 -29.45 -24.40 -13.81
C PRO A 185 -30.36 -25.61 -14.00
N LYS A 186 -31.66 -25.39 -13.94
CA LYS A 186 -32.60 -26.46 -14.18
C LYS A 186 -32.96 -26.12 -15.62
N THR A 187 -32.66 -27.06 -16.52
CA THR A 187 -32.87 -26.87 -17.95
C THR A 187 -34.02 -27.67 -18.54
N HIS A 188 -34.54 -27.18 -19.66
CA HIS A 188 -35.60 -27.84 -20.40
C HIS A 188 -35.71 -27.16 -21.77
N MET A 189 -36.43 -27.76 -22.70
CA MET A 189 -36.59 -27.18 -24.01
C MET A 189 -38.07 -27.06 -24.34
N THR A 190 -38.42 -26.18 -25.27
CA THR A 190 -39.80 -26.08 -25.73
C THR A 190 -39.78 -26.12 -27.25
N HIS A 191 -40.88 -26.56 -27.85
CA HIS A 191 -40.97 -26.69 -29.31
C HIS A 191 -42.32 -26.09 -29.73
N HIS A 192 -42.30 -25.06 -30.55
CA HIS A 192 -43.55 -24.43 -30.98
C HIS A 192 -43.59 -24.18 -32.46
N ALA A 193 -44.70 -24.58 -33.08
CA ALA A 193 -44.94 -24.44 -34.51
C ALA A 193 -44.98 -23.00 -35.05
N VAL A 194 -43.93 -22.60 -35.77
CA VAL A 194 -43.87 -21.26 -36.35
C VAL A 194 -44.71 -21.19 -37.62
N SER A 195 -44.60 -22.24 -38.44
CA SER A 195 -45.31 -22.35 -39.69
C SER A 195 -45.52 -23.83 -40.02
N ASP A 196 -45.46 -24.15 -41.31
CA ASP A 196 -45.63 -25.54 -41.75
C ASP A 196 -44.27 -26.13 -42.13
N HIS A 197 -43.23 -25.30 -42.09
CA HIS A 197 -41.88 -25.73 -42.45
C HIS A 197 -40.80 -25.20 -41.52
N GLU A 198 -41.18 -24.74 -40.34
CA GLU A 198 -40.22 -24.21 -39.38
C GLU A 198 -40.74 -24.32 -37.97
N ALA A 199 -39.81 -24.49 -37.04
CA ALA A 199 -40.17 -24.58 -35.63
C ALA A 199 -39.13 -23.85 -34.79
N THR A 200 -39.57 -23.26 -33.69
CA THR A 200 -38.65 -22.56 -32.82
C THR A 200 -38.32 -23.49 -31.68
N LEU A 201 -37.02 -23.66 -31.42
CA LEU A 201 -36.54 -24.48 -30.31
C LEU A 201 -35.96 -23.49 -29.31
N ARG A 202 -36.53 -23.44 -28.12
CA ARG A 202 -36.06 -22.54 -27.09
C ARG A 202 -35.44 -23.38 -25.95
N CYS A 203 -34.16 -23.12 -25.67
CA CYS A 203 -33.44 -23.81 -24.61
C CYS A 203 -33.43 -22.97 -23.33
N TRP A 204 -34.04 -23.47 -22.27
CA TRP A 204 -34.13 -22.76 -21.00
C TRP A 204 -33.13 -23.12 -19.90
N ALA A 205 -32.73 -22.11 -19.13
CA ALA A 205 -31.85 -22.31 -17.98
C ALA A 205 -32.50 -21.52 -16.85
N LEU A 206 -32.94 -22.22 -15.81
CA LEU A 206 -33.61 -21.56 -14.70
C LEU A 206 -33.03 -21.85 -13.30
N SER A 207 -33.39 -21.00 -12.34
CA SER A 207 -32.98 -21.22 -10.96
C SER A 207 -31.47 -21.32 -10.71
N PHE A 208 -30.65 -20.65 -11.51
CA PHE A 208 -29.21 -20.76 -11.29
C PHE A 208 -28.57 -19.55 -10.58
N TYR A 209 -27.42 -19.77 -9.96
CA TYR A 209 -26.69 -18.72 -9.26
C TYR A 209 -25.24 -19.18 -9.17
N PRO A 210 -24.26 -18.29 -9.45
CA PRO A 210 -24.36 -16.87 -9.83
C PRO A 210 -24.93 -16.65 -11.24
N ALA A 211 -25.06 -15.38 -11.61
CA ALA A 211 -25.61 -14.96 -12.91
C ALA A 211 -24.81 -15.41 -14.13
N GLU A 212 -23.48 -15.44 -14.02
CA GLU A 212 -22.61 -15.83 -15.14
C GLU A 212 -23.06 -17.19 -15.70
N ILE A 213 -23.20 -17.27 -17.02
CA ILE A 213 -23.62 -18.53 -17.66
C ILE A 213 -23.46 -18.40 -19.17
N THR A 214 -23.17 -19.53 -19.81
CA THR A 214 -22.99 -19.58 -21.26
C THR A 214 -24.02 -20.54 -21.82
N LEU A 215 -24.85 -20.01 -22.72
CA LEU A 215 -25.93 -20.77 -23.29
C LEU A 215 -25.93 -20.59 -24.82
N THR A 216 -25.53 -21.65 -25.52
CA THR A 216 -25.47 -21.62 -26.98
C THR A 216 -26.14 -22.78 -27.72
N TRP A 217 -26.31 -22.60 -29.02
CA TRP A 217 -26.86 -23.62 -29.89
C TRP A 217 -25.83 -23.91 -30.98
N GLN A 218 -25.79 -25.17 -31.42
CA GLN A 218 -24.88 -25.60 -32.49
C GLN A 218 -25.72 -26.43 -33.46
N ARG A 219 -25.36 -26.41 -34.75
CA ARG A 219 -26.05 -27.19 -35.78
C ARG A 219 -24.89 -28.04 -36.34
N ASP A 220 -24.98 -29.35 -36.10
CA ASP A 220 -23.92 -30.30 -36.46
C ASP A 220 -22.60 -29.89 -35.84
N GLY A 221 -22.68 -29.45 -34.58
CA GLY A 221 -21.50 -29.05 -33.83
C GLY A 221 -20.88 -27.74 -34.31
N GLU A 222 -21.65 -26.95 -35.05
CA GLU A 222 -21.15 -25.67 -35.55
C GLU A 222 -21.89 -24.48 -34.99
N ASP A 223 -21.11 -23.46 -34.63
CA ASP A 223 -21.61 -22.19 -34.09
C ASP A 223 -22.86 -21.66 -34.78
N GLN A 224 -23.83 -21.23 -33.99
CA GLN A 224 -25.04 -20.65 -34.56
C GLN A 224 -25.26 -19.25 -33.97
N THR A 225 -24.18 -18.66 -33.47
CA THR A 225 -24.20 -17.32 -32.86
C THR A 225 -25.12 -16.35 -33.54
N GLN A 226 -24.86 -16.08 -34.81
CA GLN A 226 -25.67 -15.14 -35.56
C GLN A 226 -27.09 -15.59 -35.85
N ASP A 227 -27.39 -16.84 -35.57
CA ASP A 227 -28.72 -17.32 -35.86
C ASP A 227 -29.41 -17.77 -34.57
N THR A 228 -29.00 -17.18 -33.45
CA THR A 228 -29.58 -17.50 -32.16
C THR A 228 -30.19 -16.28 -31.47
N GLU A 229 -31.38 -16.45 -30.92
CA GLU A 229 -32.01 -15.37 -30.18
C GLU A 229 -31.73 -15.62 -28.70
N LEU A 230 -30.95 -14.73 -28.10
CA LEU A 230 -30.56 -14.86 -26.71
C LEU A 230 -31.15 -13.71 -25.90
N VAL A 231 -31.88 -14.00 -24.82
CA VAL A 231 -32.41 -12.90 -24.01
C VAL A 231 -31.43 -12.59 -22.90
N GLU A 232 -31.50 -11.38 -22.38
CA GLU A 232 -30.63 -11.00 -21.30
C GLU A 232 -30.91 -11.83 -20.04
N THR A 233 -29.87 -12.21 -19.31
CA THR A 233 -30.04 -12.97 -18.07
C THR A 233 -30.87 -12.07 -17.12
N ARG A 234 -31.97 -12.63 -16.61
CA ARG A 234 -32.85 -11.85 -15.76
C ARG A 234 -33.00 -12.46 -14.38
N PRO A 235 -33.40 -11.65 -13.39
CA PRO A 235 -33.58 -12.11 -12.02
C PRO A 235 -34.96 -12.69 -11.80
N ALA A 236 -35.01 -13.77 -11.04
CA ALA A 236 -36.28 -14.45 -10.76
C ALA A 236 -37.00 -13.82 -9.57
N GLY A 237 -36.26 -13.09 -8.73
CA GLY A 237 -36.86 -12.46 -7.58
C GLY A 237 -36.50 -13.14 -6.28
N ASP A 238 -36.05 -14.39 -6.40
CA ASP A 238 -35.67 -15.18 -5.23
C ASP A 238 -34.18 -15.37 -5.06
N GLY A 239 -33.38 -14.61 -5.82
CA GLY A 239 -31.93 -14.74 -5.70
C GLY A 239 -31.29 -15.54 -6.83
N THR A 240 -32.10 -16.19 -7.67
CA THR A 240 -31.57 -16.94 -8.79
C THR A 240 -31.86 -16.19 -10.09
N PHE A 241 -31.22 -16.64 -11.17
CA PHE A 241 -31.37 -16.03 -12.46
C PHE A 241 -31.96 -16.98 -13.50
N GLN A 242 -32.32 -16.44 -14.66
CA GLN A 242 -32.92 -17.21 -15.74
C GLN A 242 -32.40 -16.70 -17.07
N LYS A 243 -32.46 -17.56 -18.09
CA LYS A 243 -32.01 -17.18 -19.41
C LYS A 243 -32.49 -18.20 -20.45
N TRP A 244 -32.69 -17.74 -21.67
CA TRP A 244 -33.03 -18.68 -22.73
C TRP A 244 -32.36 -18.33 -24.02
N ALA A 245 -32.25 -19.33 -24.88
CA ALA A 245 -31.64 -19.25 -26.20
C ALA A 245 -32.55 -19.99 -27.19
N ALA A 246 -32.97 -19.32 -28.25
CA ALA A 246 -33.87 -19.92 -29.22
C ALA A 246 -33.31 -19.91 -30.63
N VAL A 247 -33.66 -20.91 -31.43
CA VAL A 247 -33.24 -21.01 -32.83
C VAL A 247 -34.43 -21.52 -33.63
N VAL A 248 -34.51 -21.11 -34.89
CA VAL A 248 -35.57 -21.56 -35.79
C VAL A 248 -34.98 -22.72 -36.58
N VAL A 249 -35.62 -23.87 -36.43
CA VAL A 249 -35.19 -25.12 -37.06
C VAL A 249 -36.04 -25.54 -38.26
N PRO A 250 -35.41 -25.73 -39.44
CA PRO A 250 -36.17 -26.15 -40.64
C PRO A 250 -36.71 -27.55 -40.38
N SER A 251 -38.02 -27.73 -40.45
CA SER A 251 -38.65 -29.04 -40.20
C SER A 251 -37.82 -30.25 -40.62
N GLY A 252 -37.85 -31.26 -39.75
CA GLY A 252 -37.09 -32.46 -39.99
C GLY A 252 -35.62 -32.27 -39.67
N GLN A 253 -35.29 -31.17 -39.00
CA GLN A 253 -33.91 -30.91 -38.70
C GLN A 253 -33.60 -30.80 -37.21
N GLU A 254 -34.54 -31.19 -36.36
CA GLU A 254 -34.31 -31.11 -34.91
C GLU A 254 -33.03 -31.85 -34.46
N GLN A 255 -32.79 -33.01 -35.02
CA GLN A 255 -31.60 -33.79 -34.67
C GLN A 255 -30.27 -33.08 -34.93
N ARG A 256 -30.24 -32.10 -35.83
CA ARG A 256 -28.98 -31.40 -36.09
C ARG A 256 -28.59 -30.43 -34.96
N TYR A 257 -29.57 -30.00 -34.18
CA TYR A 257 -29.29 -29.02 -33.13
C TYR A 257 -29.07 -29.48 -31.69
N THR A 258 -28.02 -28.94 -31.09
CA THR A 258 -27.67 -29.22 -29.69
C THR A 258 -27.59 -27.91 -28.87
N CYS A 259 -28.07 -27.95 -27.63
CA CYS A 259 -28.00 -26.78 -26.75
C CYS A 259 -26.91 -27.09 -25.75
N HIS A 260 -26.00 -26.14 -25.58
CA HIS A 260 -24.86 -26.25 -24.66
C HIS A 260 -24.99 -25.24 -23.52
N VAL A 261 -24.84 -25.72 -22.28
CA VAL A 261 -24.97 -24.89 -21.08
C VAL A 261 -23.71 -25.01 -20.22
N GLN A 262 -23.10 -23.87 -19.91
CA GLN A 262 -21.92 -23.87 -19.07
C GLN A 262 -22.23 -23.01 -17.89
N HIS A 263 -22.03 -23.55 -16.71
CA HIS A 263 -22.30 -22.83 -15.48
C HIS A 263 -21.47 -23.50 -14.44
N GLU A 264 -20.93 -22.74 -13.50
CA GLU A 264 -20.09 -23.36 -12.48
C GLU A 264 -20.80 -24.31 -11.53
N GLY A 265 -22.13 -24.31 -11.56
CA GLY A 265 -22.85 -25.21 -10.68
C GLY A 265 -22.99 -26.60 -11.31
N LEU A 266 -22.57 -26.72 -12.56
CA LEU A 266 -22.68 -28.00 -13.26
C LEU A 266 -21.38 -28.75 -13.15
N PRO A 267 -21.46 -30.03 -12.78
CA PRO A 267 -20.29 -30.90 -12.64
C PRO A 267 -19.51 -31.01 -13.95
N LYS A 268 -20.21 -30.76 -15.06
CA LYS A 268 -19.62 -30.74 -16.39
C LYS A 268 -20.68 -30.14 -17.33
N PRO A 269 -20.23 -29.46 -18.40
CA PRO A 269 -21.17 -28.83 -19.34
C PRO A 269 -22.24 -29.75 -19.93
N LEU A 270 -23.40 -29.17 -20.19
CA LEU A 270 -24.53 -29.89 -20.75
C LEU A 270 -24.66 -29.78 -22.24
N THR A 271 -25.17 -30.87 -22.81
CA THR A 271 -25.43 -30.92 -24.23
C THR A 271 -26.83 -31.50 -24.32
N LEU A 272 -27.78 -30.63 -24.57
CA LEU A 272 -29.18 -31.01 -24.68
C LEU A 272 -29.54 -31.13 -26.16
N ARG A 273 -30.57 -31.91 -26.44
CA ARG A 273 -30.99 -32.13 -27.81
C ARG A 273 -32.46 -32.43 -27.77
N TRP A 274 -33.22 -31.87 -28.69
CA TRP A 274 -34.65 -32.16 -28.73
C TRP A 274 -34.77 -33.58 -29.28
N GLU A 275 -35.37 -34.51 -28.54
CA GLU A 275 -35.50 -35.86 -29.04
C GLU A 275 -36.43 -36.68 -28.14
N MET B 1 -28.56 15.23 -23.90
CA MET B 1 -28.09 14.27 -22.88
C MET B 1 -28.56 12.86 -23.17
N ILE B 2 -27.73 11.93 -22.73
CA ILE B 2 -27.92 10.50 -22.89
C ILE B 2 -29.29 10.04 -22.47
N GLN B 3 -29.89 9.23 -23.34
CA GLN B 3 -31.21 8.64 -23.13
C GLN B 3 -31.17 7.26 -23.76
N ARG B 4 -31.31 6.22 -22.94
CA ARG B 4 -31.28 4.84 -23.44
C ARG B 4 -32.62 4.20 -23.11
N THR B 5 -33.19 3.52 -24.10
CA THR B 5 -34.48 2.85 -23.99
C THR B 5 -34.48 1.64 -23.08
N PRO B 6 -35.53 1.45 -22.31
CA PRO B 6 -35.49 0.27 -21.47
C PRO B 6 -35.86 -1.02 -22.21
N LYS B 7 -35.14 -2.10 -21.92
CA LYS B 7 -35.46 -3.41 -22.48
C LYS B 7 -36.48 -3.96 -21.46
N ILE B 8 -37.49 -4.68 -21.93
CA ILE B 8 -38.53 -5.19 -21.05
C ILE B 8 -38.75 -6.65 -21.22
N GLN B 9 -38.89 -7.37 -20.11
CA GLN B 9 -39.18 -8.80 -20.13
C GLN B 9 -40.22 -9.07 -19.06
N VAL B 10 -41.28 -9.79 -19.41
CA VAL B 10 -42.33 -10.08 -18.45
C VAL B 10 -42.43 -11.58 -18.35
N TYR B 11 -42.23 -12.10 -17.15
CA TYR B 11 -42.21 -13.54 -16.97
C TYR B 11 -42.54 -13.89 -15.54
N SER B 12 -42.65 -15.19 -15.27
CA SER B 12 -42.94 -15.67 -13.92
C SER B 12 -41.68 -16.25 -13.29
N ARG B 13 -41.60 -16.13 -11.97
CA ARG B 13 -40.47 -16.63 -11.21
C ARG B 13 -40.31 -18.15 -11.31
N HIS B 14 -41.45 -18.84 -11.32
CA HIS B 14 -41.53 -20.29 -11.39
C HIS B 14 -42.27 -20.67 -12.66
N PRO B 15 -41.97 -21.84 -13.23
CA PRO B 15 -42.74 -22.16 -14.44
C PRO B 15 -44.23 -22.12 -14.10
N ALA B 16 -45.01 -21.43 -14.92
CA ALA B 16 -46.43 -21.29 -14.68
C ALA B 16 -47.18 -22.62 -14.65
N GLU B 17 -48.03 -22.75 -13.65
CA GLU B 17 -48.84 -23.93 -13.48
C GLU B 17 -50.16 -23.43 -12.96
N ASN B 18 -51.21 -23.54 -13.77
CA ASN B 18 -52.52 -23.07 -13.33
C ASN B 18 -52.86 -23.52 -11.91
N GLY B 19 -53.40 -22.59 -11.12
CA GLY B 19 -53.78 -22.92 -9.77
C GLY B 19 -52.67 -22.93 -8.74
N LYS B 20 -51.42 -22.72 -9.18
CA LYS B 20 -50.30 -22.69 -8.24
C LYS B 20 -49.67 -21.29 -8.04
N SER B 21 -49.44 -20.91 -6.79
CA SER B 21 -48.85 -19.62 -6.42
C SER B 21 -47.53 -19.32 -7.15
N ASN B 22 -47.33 -18.07 -7.53
CA ASN B 22 -46.14 -17.67 -8.29
C ASN B 22 -45.91 -16.17 -8.13
N PHE B 23 -44.99 -15.61 -8.92
CA PHE B 23 -44.72 -14.17 -8.92
C PHE B 23 -44.63 -13.79 -10.39
N LEU B 24 -45.33 -12.73 -10.75
CA LEU B 24 -45.35 -12.19 -12.10
C LEU B 24 -44.28 -11.09 -12.09
N ASN B 25 -43.30 -11.20 -12.98
CA ASN B 25 -42.20 -10.23 -13.03
C ASN B 25 -42.17 -9.37 -14.27
N CYS B 26 -41.57 -8.20 -14.12
CA CYS B 26 -41.36 -7.27 -15.21
C CYS B 26 -39.98 -6.69 -14.94
N TYR B 27 -39.02 -7.08 -15.77
CA TYR B 27 -37.67 -6.63 -15.60
C TYR B 27 -37.41 -5.55 -16.63
N VAL B 28 -36.98 -4.37 -16.17
CA VAL B 28 -36.66 -3.24 -17.06
C VAL B 28 -35.18 -2.98 -16.86
N SER B 29 -34.44 -2.83 -17.94
CA SER B 29 -33.02 -2.64 -17.83
C SER B 29 -32.39 -1.92 -19.01
N GLY B 30 -31.15 -1.45 -18.83
CA GLY B 30 -30.44 -0.73 -19.89
C GLY B 30 -31.01 0.66 -20.17
N PHE B 31 -31.83 1.20 -19.27
CA PHE B 31 -32.40 2.52 -19.49
C PHE B 31 -31.69 3.68 -18.80
N HIS B 32 -32.02 4.89 -19.23
CA HIS B 32 -31.41 6.09 -18.64
C HIS B 32 -32.15 7.26 -19.26
N PRO B 33 -32.53 8.28 -18.46
CA PRO B 33 -32.36 8.47 -17.01
C PRO B 33 -33.19 7.48 -16.18
N SER B 34 -33.06 7.56 -14.87
CA SER B 34 -33.71 6.63 -13.94
C SER B 34 -35.24 6.66 -13.81
N ASP B 35 -35.89 7.80 -14.03
CA ASP B 35 -37.35 7.84 -13.91
C ASP B 35 -37.94 6.93 -14.94
N ILE B 36 -38.86 6.11 -14.49
CA ILE B 36 -39.51 5.17 -15.37
C ILE B 36 -40.80 4.85 -14.66
N GLU B 37 -41.82 4.56 -15.46
CA GLU B 37 -43.15 4.27 -14.97
C GLU B 37 -43.48 2.81 -15.28
N VAL B 38 -43.54 1.94 -14.29
CA VAL B 38 -43.86 0.54 -14.56
C VAL B 38 -45.11 0.00 -13.87
N ASP B 39 -46.01 -0.57 -14.67
CA ASP B 39 -47.23 -1.17 -14.16
C ASP B 39 -47.44 -2.62 -14.62
N LEU B 40 -48.06 -3.42 -13.76
CA LEU B 40 -48.39 -4.80 -14.07
C LEU B 40 -49.91 -4.80 -14.29
N LEU B 41 -50.36 -5.44 -15.35
CA LEU B 41 -51.80 -5.43 -15.64
C LEU B 41 -52.43 -6.82 -15.64
N LYS B 42 -53.65 -6.92 -15.11
CA LYS B 42 -54.42 -8.16 -15.11
C LYS B 42 -55.64 -7.87 -15.97
N ASN B 43 -55.77 -8.60 -17.08
CA ASN B 43 -56.86 -8.39 -18.00
C ASN B 43 -57.00 -6.89 -18.27
N GLY B 44 -55.86 -6.24 -18.52
CA GLY B 44 -55.87 -4.84 -18.83
C GLY B 44 -55.90 -3.83 -17.71
N GLU B 45 -56.33 -4.22 -16.52
CA GLU B 45 -56.39 -3.26 -15.42
C GLU B 45 -55.11 -3.26 -14.59
N ARG B 46 -54.85 -2.15 -13.93
CA ARG B 46 -53.64 -2.01 -13.14
C ARG B 46 -53.68 -2.83 -11.87
N ILE B 47 -52.59 -3.55 -11.59
CA ILE B 47 -52.53 -4.33 -10.35
C ILE B 47 -52.02 -3.39 -9.27
N GLU B 48 -52.66 -3.40 -8.11
CA GLU B 48 -52.29 -2.51 -7.00
C GLU B 48 -51.07 -2.82 -6.14
N LYS B 49 -50.93 -4.05 -5.66
CA LYS B 49 -49.78 -4.35 -4.81
C LYS B 49 -48.61 -4.87 -5.61
N VAL B 50 -47.89 -3.95 -6.24
CA VAL B 50 -46.73 -4.32 -7.04
C VAL B 50 -45.50 -3.69 -6.38
N GLU B 51 -44.48 -4.49 -6.10
CA GLU B 51 -43.28 -3.98 -5.48
C GLU B 51 -42.16 -3.98 -6.49
N HIS B 52 -41.03 -3.38 -6.13
CA HIS B 52 -39.89 -3.36 -7.03
C HIS B 52 -38.57 -3.37 -6.30
N SER B 53 -37.53 -3.81 -6.98
CA SER B 53 -36.21 -3.87 -6.38
C SER B 53 -35.65 -2.45 -6.15
N ASP B 54 -34.50 -2.38 -5.51
CA ASP B 54 -33.88 -1.08 -5.25
C ASP B 54 -33.09 -0.70 -6.49
N LEU B 55 -33.20 0.56 -6.90
CA LEU B 55 -32.50 1.06 -8.08
C LEU B 55 -31.01 0.73 -8.06
N SER B 56 -30.56 0.13 -9.15
CA SER B 56 -29.16 -0.24 -9.32
C SER B 56 -28.80 -0.12 -10.79
N PHE B 57 -27.52 -0.22 -11.12
CA PHE B 57 -27.09 -0.07 -12.50
C PHE B 57 -25.95 -0.99 -12.90
N SER B 58 -25.79 -1.16 -14.20
CA SER B 58 -24.77 -2.03 -14.76
C SER B 58 -23.42 -1.28 -14.91
N LYS B 59 -22.44 -1.94 -15.52
CA LYS B 59 -21.13 -1.34 -15.69
C LYS B 59 -21.13 -0.19 -16.70
N ASP B 60 -22.12 -0.19 -17.58
CA ASP B 60 -22.24 0.86 -18.59
C ASP B 60 -23.10 2.03 -18.04
N TRP B 61 -23.41 1.96 -16.75
CA TRP B 61 -24.19 2.97 -16.04
C TRP B 61 -25.69 2.91 -16.25
N SER B 62 -26.15 2.13 -17.23
CA SER B 62 -27.57 2.04 -17.51
C SER B 62 -28.26 1.32 -16.33
N PHE B 63 -29.49 1.73 -16.04
CA PHE B 63 -30.26 1.22 -14.89
C PHE B 63 -31.03 -0.08 -15.07
N TYR B 64 -31.46 -0.68 -13.96
CA TYR B 64 -32.32 -1.88 -14.03
C TYR B 64 -33.17 -2.02 -12.76
N LEU B 65 -34.41 -2.43 -12.94
CA LEU B 65 -35.36 -2.62 -11.84
C LEU B 65 -36.20 -3.85 -12.08
N LEU B 66 -36.54 -4.57 -11.00
CA LEU B 66 -37.42 -5.72 -11.10
C LEU B 66 -38.75 -5.38 -10.41
N TYR B 67 -39.86 -5.38 -11.16
CA TYR B 67 -41.17 -5.11 -10.60
C TYR B 67 -41.82 -6.48 -10.49
N TYR B 68 -42.50 -6.73 -9.39
CA TYR B 68 -43.10 -8.04 -9.18
C TYR B 68 -44.30 -8.02 -8.25
N THR B 69 -45.12 -9.07 -8.36
CA THR B 69 -46.31 -9.20 -7.54
C THR B 69 -46.70 -10.68 -7.47
N GLU B 70 -47.26 -11.10 -6.33
CA GLU B 70 -47.69 -12.48 -6.16
C GLU B 70 -48.92 -12.73 -7.01
N PHE B 71 -49.09 -13.94 -7.52
CA PHE B 71 -50.26 -14.26 -8.34
C PHE B 71 -50.34 -15.74 -8.63
N THR B 72 -51.55 -16.17 -9.02
CA THR B 72 -51.82 -17.54 -9.36
C THR B 72 -52.36 -17.59 -10.78
N PRO B 73 -51.52 -18.03 -11.73
CA PRO B 73 -52.01 -18.07 -13.11
C PRO B 73 -53.18 -19.04 -13.34
N THR B 74 -54.15 -18.60 -14.14
CA THR B 74 -55.28 -19.44 -14.47
C THR B 74 -55.21 -19.60 -15.98
N GLU B 75 -56.14 -20.33 -16.56
CA GLU B 75 -56.15 -20.55 -18.00
C GLU B 75 -56.61 -19.32 -18.77
N LYS B 76 -57.58 -18.60 -18.22
CA LYS B 76 -58.08 -17.43 -18.92
C LYS B 76 -57.48 -16.07 -18.59
N ASP B 77 -56.85 -15.91 -17.43
CA ASP B 77 -56.29 -14.60 -17.09
C ASP B 77 -55.08 -14.18 -17.92
N GLU B 78 -55.13 -12.96 -18.44
CA GLU B 78 -54.07 -12.39 -19.25
C GLU B 78 -53.27 -11.40 -18.41
N TYR B 79 -51.96 -11.39 -18.59
CA TYR B 79 -51.12 -10.44 -17.87
C TYR B 79 -50.22 -9.66 -18.82
N ALA B 80 -49.78 -8.49 -18.38
CA ALA B 80 -48.92 -7.67 -19.21
C ALA B 80 -48.14 -6.66 -18.38
N CYS B 81 -47.19 -5.99 -19.02
CA CYS B 81 -46.38 -4.98 -18.36
C CYS B 81 -46.46 -3.73 -19.22
N ARG B 82 -46.87 -2.62 -18.60
CA ARG B 82 -46.98 -1.35 -19.30
C ARG B 82 -45.90 -0.41 -18.76
N VAL B 83 -44.93 -0.11 -19.61
CA VAL B 83 -43.82 0.75 -19.26
C VAL B 83 -43.89 2.09 -19.95
N ASN B 84 -43.28 3.07 -19.31
CA ASN B 84 -43.24 4.38 -19.90
C ASN B 84 -41.95 5.01 -19.50
N HIS B 85 -41.36 5.82 -20.37
CA HIS B 85 -40.06 6.42 -20.12
C HIS B 85 -39.87 7.50 -21.19
N VAL B 86 -39.04 8.51 -20.90
CA VAL B 86 -38.84 9.60 -21.86
C VAL B 86 -38.47 9.09 -23.25
N THR B 87 -37.79 7.96 -23.35
CA THR B 87 -37.41 7.42 -24.67
C THR B 87 -38.59 6.73 -25.41
N LEU B 88 -39.77 6.72 -24.81
CA LEU B 88 -40.91 6.06 -25.46
C LEU B 88 -42.03 7.03 -25.72
N SER B 89 -42.38 7.23 -27.00
CA SER B 89 -43.45 8.15 -27.35
C SER B 89 -44.73 7.81 -26.62
N GLN B 90 -44.95 6.53 -26.43
CA GLN B 90 -46.15 6.12 -25.72
C GLN B 90 -45.80 4.90 -24.87
N PRO B 91 -46.67 4.66 -23.83
CA PRO B 91 -46.45 3.53 -22.95
C PRO B 91 -46.40 2.25 -23.74
N LYS B 92 -45.32 1.47 -23.52
CA LYS B 92 -45.08 0.20 -24.19
C LYS B 92 -45.68 -0.94 -23.38
N ILE B 93 -46.57 -1.73 -24.00
CA ILE B 93 -47.19 -2.87 -23.32
C ILE B 93 -46.66 -4.19 -23.88
N VAL B 94 -46.12 -5.02 -23.01
CA VAL B 94 -45.61 -6.32 -23.43
C VAL B 94 -46.43 -7.37 -22.70
N LYS B 95 -47.03 -8.29 -23.46
CA LYS B 95 -47.84 -9.33 -22.87
C LYS B 95 -46.99 -10.45 -22.29
N TRP B 96 -47.50 -11.07 -21.24
CA TRP B 96 -46.81 -12.18 -20.63
C TRP B 96 -47.12 -13.43 -21.45
N ASP B 97 -46.08 -14.16 -21.84
CA ASP B 97 -46.23 -15.40 -22.60
C ASP B 97 -45.64 -16.46 -21.68
N ARG B 98 -46.40 -17.49 -21.34
CA ARG B 98 -45.86 -18.52 -20.46
C ARG B 98 -44.52 -19.10 -20.95
N ASP B 99 -44.31 -19.12 -22.25
CA ASP B 99 -43.07 -19.68 -22.81
C ASP B 99 -41.99 -18.68 -23.23
N MET B 100 -41.84 -17.59 -22.47
CA MET B 100 -40.81 -16.57 -22.77
C MET B 100 -40.34 -15.80 -21.51
N LEU C 1 -18.09 0.32 3.17
CA LEU C 1 -18.30 1.74 2.79
C LEU C 1 -17.09 2.61 3.11
N PHE C 2 -16.63 3.38 2.12
CA PHE C 2 -15.51 4.29 2.34
C PHE C 2 -16.01 5.27 3.39
N GLY C 3 -15.15 5.63 4.34
CA GLY C 3 -15.59 6.53 5.40
C GLY C 3 -15.13 7.96 5.27
N TYR C 4 -14.55 8.30 4.12
CA TYR C 4 -14.07 9.67 3.98
C TYR C 4 -14.69 10.48 2.86
N PRO C 5 -14.94 11.75 3.16
CA PRO C 5 -15.60 12.69 2.26
C PRO C 5 -14.88 12.81 0.93
N VAL C 6 -15.62 12.79 -0.18
CA VAL C 6 -15.03 12.97 -1.50
C VAL C 6 -15.97 13.86 -2.34
N TYR C 7 -15.46 14.99 -2.82
CA TYR C 7 -16.26 15.93 -3.63
C TYR C 7 -15.63 16.10 -5.01
N VAL C 8 -16.43 16.12 -6.07
CA VAL C 8 -15.87 16.31 -7.41
C VAL C 8 -15.59 17.80 -7.56
N GLY D 1 10.99 11.08 5.02
CA GLY D 1 10.87 11.98 6.20
C GLY D 1 12.04 12.92 6.28
N SER D 2 12.66 13.02 7.44
CA SER D 2 13.79 13.91 7.62
C SER D 2 15.06 13.37 6.96
N HIS D 3 15.98 14.28 6.64
CA HIS D 3 17.25 13.94 6.02
C HIS D 3 18.37 14.82 6.56
N SER D 4 19.61 14.35 6.37
CA SER D 4 20.76 15.09 6.82
C SER D 4 21.95 14.86 5.91
N MET D 5 22.92 15.76 6.03
CA MET D 5 24.13 15.70 5.24
C MET D 5 25.18 16.00 6.26
N ARG D 6 26.23 15.22 6.29
CA ARG D 6 27.28 15.50 7.26
C ARG D 6 28.64 15.06 6.74
N TYR D 7 29.68 15.76 7.21
CA TYR D 7 31.05 15.46 6.86
C TYR D 7 31.79 15.21 8.20
N PHE D 8 32.59 14.16 8.21
CA PHE D 8 33.32 13.75 9.37
C PHE D 8 34.78 13.74 8.95
N PHE D 9 35.61 14.31 9.83
CA PHE D 9 37.03 14.46 9.60
C PHE D 9 37.79 13.92 10.80
N THR D 10 38.73 13.02 10.56
CA THR D 10 39.54 12.48 11.66
C THR D 10 41.00 12.61 11.32
N SER D 11 41.73 13.28 12.20
CA SER D 11 43.15 13.45 11.98
C SER D 11 43.90 12.88 13.17
N VAL D 12 44.87 12.02 12.89
CA VAL D 12 45.64 11.36 13.93
C VAL D 12 47.15 11.51 13.72
N SER D 13 47.86 12.05 14.72
CA SER D 13 49.29 12.25 14.62
C SER D 13 50.07 10.95 14.83
N ARG D 14 51.13 10.80 14.05
CA ARG D 14 52.02 9.65 14.07
C ARG D 14 53.45 10.16 14.26
N PRO D 15 53.81 10.56 15.50
CA PRO D 15 55.13 11.08 15.88
C PRO D 15 56.23 10.17 15.37
N GLY D 16 57.15 10.74 14.58
CA GLY D 16 58.23 9.93 14.04
C GLY D 16 57.84 9.13 12.81
N ARG D 17 56.55 8.82 12.67
CA ARG D 17 56.09 8.05 11.52
C ARG D 17 55.53 8.92 10.39
N GLY D 18 55.97 10.17 10.33
CA GLY D 18 55.53 11.06 9.27
C GLY D 18 54.32 11.96 9.52
N GLU D 19 53.68 12.38 8.44
CA GLU D 19 52.50 13.25 8.54
C GLU D 19 51.30 12.55 9.17
N PRO D 20 50.45 13.32 9.86
CA PRO D 20 49.29 12.70 10.49
C PRO D 20 48.32 12.12 9.46
N ARG D 21 47.69 11.01 9.83
CA ARG D 21 46.72 10.33 8.98
C ARG D 21 45.42 11.15 8.94
N PHE D 22 44.88 11.36 7.74
CA PHE D 22 43.65 12.15 7.59
C PHE D 22 42.57 11.36 6.86
N ILE D 23 41.42 11.21 7.51
CA ILE D 23 40.31 10.51 6.93
C ILE D 23 39.06 11.37 6.99
N ALA D 24 38.50 11.63 5.81
CA ALA D 24 37.30 12.43 5.64
C ALA D 24 36.26 11.60 4.92
N VAL D 25 35.03 11.64 5.43
CA VAL D 25 33.92 10.92 4.81
C VAL D 25 32.70 11.81 4.85
N GLY D 26 31.82 11.65 3.86
CA GLY D 26 30.60 12.43 3.79
C GLY D 26 29.44 11.45 3.68
N TYR D 27 28.38 11.76 4.41
CA TYR D 27 27.19 10.96 4.46
C TYR D 27 25.97 11.81 4.12
N VAL D 28 24.97 11.14 3.61
CA VAL D 28 23.67 11.74 3.34
C VAL D 28 22.79 10.71 4.03
N ASP D 29 22.24 11.12 5.17
CA ASP D 29 21.46 10.22 6.00
C ASP D 29 22.46 9.15 6.42
N ASP D 30 22.10 7.88 6.33
CA ASP D 30 23.02 6.80 6.76
C ASP D 30 23.89 6.19 5.64
N THR D 31 23.98 6.89 4.52
CA THR D 31 24.76 6.42 3.36
C THR D 31 26.03 7.24 3.10
N GLN D 32 27.18 6.59 3.10
CA GLN D 32 28.42 7.29 2.82
C GLN D 32 28.39 7.59 1.33
N PHE D 33 28.86 8.76 0.89
CA PHE D 33 28.88 9.02 -0.56
C PHE D 33 30.25 9.49 -1.10
N VAL D 34 31.13 9.93 -0.20
CA VAL D 34 32.46 10.33 -0.61
C VAL D 34 33.48 10.05 0.51
N ARG D 35 34.74 10.01 0.15
CA ARG D 35 35.78 9.80 1.13
C ARG D 35 37.08 10.35 0.57
N PHE D 36 38.02 10.61 1.48
CA PHE D 36 39.36 11.04 1.15
C PHE D 36 40.21 10.42 2.23
N ASP D 37 41.32 9.80 1.84
CA ASP D 37 42.21 9.20 2.82
C ASP D 37 43.65 9.56 2.46
N SER D 38 44.30 10.31 3.36
CA SER D 38 45.68 10.77 3.17
C SER D 38 46.65 9.67 2.80
N ASP D 39 46.39 8.46 3.27
CA ASP D 39 47.28 7.37 2.96
C ASP D 39 46.92 6.65 1.67
N ALA D 40 45.82 7.00 1.02
CA ALA D 40 45.48 6.31 -0.24
C ALA D 40 46.36 6.90 -1.32
N ALA D 41 46.47 6.17 -2.43
CA ALA D 41 47.34 6.60 -3.52
C ALA D 41 46.77 7.71 -4.41
N SER D 42 45.45 7.78 -4.59
CA SER D 42 44.86 8.82 -5.45
C SER D 42 45.06 10.25 -4.98
N GLN D 43 44.87 10.51 -3.70
CA GLN D 43 45.03 11.85 -3.17
C GLN D 43 43.89 12.72 -3.67
N ARG D 44 42.78 12.06 -3.94
CA ARG D 44 41.58 12.73 -4.41
C ARG D 44 40.38 12.32 -3.61
N MET D 45 39.34 13.13 -3.71
CA MET D 45 38.10 12.81 -3.06
C MET D 45 37.57 11.69 -3.96
N GLU D 46 37.04 10.62 -3.37
CA GLU D 46 36.52 9.49 -4.15
C GLU D 46 35.06 9.16 -3.88
N PRO D 47 34.32 8.75 -4.92
CA PRO D 47 32.90 8.42 -4.71
C PRO D 47 32.77 7.08 -3.96
N ARG D 48 31.70 6.96 -3.16
CA ARG D 48 31.44 5.75 -2.39
C ARG D 48 29.98 5.38 -2.55
N ALA D 49 29.26 6.12 -3.39
CA ALA D 49 27.87 5.82 -3.64
C ALA D 49 27.63 5.99 -5.15
N PRO D 50 26.85 5.10 -5.75
CA PRO D 50 26.49 5.07 -7.17
C PRO D 50 26.00 6.39 -7.76
N TRP D 51 25.08 7.04 -7.04
CA TRP D 51 24.49 8.29 -7.48
C TRP D 51 25.36 9.55 -7.40
N ILE D 52 26.66 9.41 -7.16
CA ILE D 52 27.52 10.59 -7.11
C ILE D 52 28.67 10.33 -8.10
N GLU D 53 28.73 9.09 -8.58
CA GLU D 53 29.79 8.71 -9.51
C GLU D 53 29.81 9.55 -10.78
N GLN D 54 28.64 9.95 -11.24
CA GLN D 54 28.54 10.73 -12.45
C GLN D 54 28.64 12.26 -12.36
N GLU D 55 28.98 12.80 -11.19
CA GLU D 55 29.17 14.25 -11.08
C GLU D 55 30.41 14.42 -11.96
N GLY D 56 30.45 15.45 -12.79
CA GLY D 56 31.62 15.61 -13.66
C GLY D 56 32.95 15.92 -12.99
N PRO D 57 34.00 16.22 -13.77
CA PRO D 57 35.31 16.53 -13.19
C PRO D 57 35.35 17.82 -12.37
N GLU D 58 34.49 18.79 -12.72
CA GLU D 58 34.46 20.07 -12.01
C GLU D 58 34.22 19.80 -10.53
N TYR D 59 33.20 18.98 -10.28
CA TYR D 59 32.85 18.61 -8.92
C TYR D 59 33.99 17.87 -8.23
N TRP D 60 34.50 16.80 -8.83
CA TRP D 60 35.60 16.08 -8.19
C TRP D 60 36.86 16.90 -7.94
N ASP D 61 37.22 17.79 -8.85
CA ASP D 61 38.42 18.60 -8.64
C ASP D 61 38.12 19.58 -7.51
N GLY D 62 36.94 20.19 -7.54
CA GLY D 62 36.59 21.14 -6.49
C GLY D 62 36.59 20.54 -5.08
N GLU D 63 35.94 19.38 -4.92
CA GLU D 63 35.86 18.74 -3.61
C GLU D 63 37.25 18.27 -3.19
N THR D 64 38.06 17.86 -4.16
CA THR D 64 39.39 17.39 -3.84
C THR D 64 40.22 18.55 -3.33
N ARG D 65 40.04 19.73 -3.92
CA ARG D 65 40.78 20.92 -3.50
C ARG D 65 40.40 21.23 -2.06
N LYS D 66 39.11 21.41 -1.80
CA LYS D 66 38.64 21.69 -0.45
C LYS D 66 38.99 20.63 0.60
N VAL D 67 38.91 19.35 0.26
CA VAL D 67 39.25 18.31 1.25
C VAL D 67 40.72 18.33 1.62
N LYS D 68 41.61 18.58 0.66
CA LYS D 68 43.03 18.67 0.97
C LYS D 68 43.25 19.92 1.87
N ALA D 69 42.46 20.97 1.63
CA ALA D 69 42.52 22.18 2.46
C ALA D 69 42.16 21.81 3.90
N HIS D 70 41.05 21.07 4.08
CA HIS D 70 40.63 20.65 5.42
C HIS D 70 41.73 19.86 6.10
N SER D 71 42.32 18.97 5.32
CA SER D 71 43.41 18.13 5.74
C SER D 71 44.50 19.00 6.33
N GLN D 72 44.94 19.99 5.57
CA GLN D 72 46.00 20.85 6.06
C GLN D 72 45.62 21.66 7.32
N THR D 73 44.42 22.24 7.39
CA THR D 73 44.13 23.00 8.61
C THR D 73 44.21 22.03 9.78
N HIS D 74 43.78 20.78 9.57
CA HIS D 74 43.85 19.83 10.67
C HIS D 74 45.27 19.53 11.11
N ARG D 75 46.23 19.54 10.18
CA ARG D 75 47.57 19.23 10.59
C ARG D 75 48.17 20.40 11.37
N VAL D 76 47.76 21.62 11.05
CA VAL D 76 48.23 22.76 11.81
C VAL D 76 47.49 22.68 13.15
N ASP D 77 46.23 22.28 13.10
CA ASP D 77 45.42 22.15 14.31
C ASP D 77 46.11 21.29 15.38
N LEU D 78 46.55 20.10 14.97
CA LEU D 78 47.19 19.15 15.87
C LEU D 78 48.31 19.83 16.62
N GLY D 79 49.02 20.75 15.94
CA GLY D 79 50.10 21.48 16.56
C GLY D 79 49.54 22.43 17.61
N THR D 80 48.67 23.35 17.17
CA THR D 80 48.05 24.33 18.07
C THR D 80 47.58 23.71 19.38
N LEU D 81 46.83 22.61 19.29
CA LEU D 81 46.28 21.91 20.48
C LEU D 81 47.38 21.32 21.38
N ARG D 82 48.41 20.76 20.75
CA ARG D 82 49.54 20.20 21.48
C ARG D 82 50.14 21.37 22.27
N GLY D 83 50.12 22.56 21.66
CA GLY D 83 50.61 23.76 22.31
C GLY D 83 49.67 24.26 23.40
N TYR D 84 48.37 24.30 23.12
CA TYR D 84 47.38 24.77 24.10
C TYR D 84 47.37 23.97 25.39
N TYR D 85 47.67 22.68 25.28
CA TYR D 85 47.70 21.79 26.43
C TYR D 85 49.11 21.50 26.89
N ASN D 86 50.09 22.21 26.34
CA ASN D 86 51.48 21.99 26.74
C ASN D 86 51.73 20.47 26.73
N GLN D 87 51.52 19.82 25.58
CA GLN D 87 51.71 18.38 25.50
C GLN D 87 52.98 17.97 24.78
N SER D 88 53.44 16.77 25.11
CA SER D 88 54.65 16.22 24.53
C SER D 88 54.55 15.97 23.01
N GLU D 89 55.67 16.20 22.34
CA GLU D 89 55.78 16.01 20.91
C GLU D 89 55.76 14.50 20.58
N ALA D 90 56.00 13.67 21.58
CA ALA D 90 56.06 12.22 21.38
C ALA D 90 54.77 11.43 21.42
N GLY D 91 53.73 11.96 22.03
CA GLY D 91 52.50 11.20 22.09
C GLY D 91 51.64 11.43 20.86
N SER D 92 50.77 10.46 20.56
CA SER D 92 49.86 10.55 19.42
C SER D 92 48.53 11.19 19.84
N HIS D 93 47.98 12.08 19.01
CA HIS D 93 46.71 12.71 19.36
C HIS D 93 45.63 12.69 18.28
N THR D 94 44.41 12.83 18.72
CA THR D 94 43.32 12.78 17.80
C THR D 94 42.43 14.01 17.81
N VAL D 95 42.23 14.56 16.61
CA VAL D 95 41.37 15.70 16.37
C VAL D 95 40.24 15.20 15.48
N GLN D 96 39.02 15.53 15.86
CA GLN D 96 37.86 15.15 15.08
C GLN D 96 36.99 16.39 14.86
N ARG D 97 36.41 16.49 13.67
CA ARG D 97 35.54 17.61 13.31
C ARG D 97 34.37 17.14 12.47
N MET D 98 33.19 17.63 12.81
CA MET D 98 31.98 17.25 12.11
C MET D 98 31.16 18.51 11.86
N TYR D 99 30.51 18.57 10.71
CA TYR D 99 29.62 19.67 10.38
C TYR D 99 28.67 19.19 9.31
N GLY D 100 27.48 19.76 9.32
CA GLY D 100 26.45 19.40 8.37
C GLY D 100 25.11 20.02 8.74
N CYS D 101 24.06 19.64 8.02
CA CYS D 101 22.73 20.18 8.26
C CYS D 101 21.66 19.07 8.23
N ASP D 102 20.54 19.34 8.92
CA ASP D 102 19.38 18.45 8.98
C ASP D 102 18.21 19.22 8.35
N VAL D 103 17.42 18.56 7.52
CA VAL D 103 16.24 19.24 7.01
C VAL D 103 15.08 18.32 7.39
N GLY D 104 13.88 18.88 7.41
CA GLY D 104 12.72 18.09 7.77
C GLY D 104 12.19 17.34 6.58
N SER D 105 10.94 16.90 6.66
CA SER D 105 10.32 16.15 5.58
C SER D 105 10.04 17.06 4.37
N ASP D 106 10.03 18.37 4.62
CA ASP D 106 9.78 19.39 3.61
C ASP D 106 11.09 19.87 2.97
N TRP D 107 12.19 19.22 3.34
CA TRP D 107 13.52 19.55 2.84
C TRP D 107 14.01 20.92 3.28
N ARG D 108 13.37 21.46 4.32
CA ARG D 108 13.76 22.77 4.83
C ARG D 108 14.71 22.65 6.03
N PHE D 109 15.62 23.61 6.15
CA PHE D 109 16.57 23.63 7.27
C PHE D 109 15.90 23.44 8.63
N LEU D 110 16.55 22.68 9.49
CA LEU D 110 16.04 22.39 10.81
C LEU D 110 17.12 22.68 11.85
N ARG D 111 18.34 22.25 11.56
CA ARG D 111 19.43 22.41 12.48
C ARG D 111 20.74 22.30 11.69
N GLY D 112 21.78 22.97 12.18
CA GLY D 112 23.10 22.96 11.57
C GLY D 112 24.12 22.60 12.64
N TYR D 113 25.30 22.15 12.24
CA TYR D 113 26.32 21.76 13.21
C TYR D 113 27.71 22.10 12.73
N HIS D 114 28.63 22.28 13.68
CA HIS D 114 30.05 22.55 13.41
C HIS D 114 30.74 22.41 14.76
N GLN D 115 31.39 21.27 15.01
CA GLN D 115 32.02 21.00 16.29
C GLN D 115 33.27 20.16 16.20
N TYR D 116 34.21 20.40 17.12
CA TYR D 116 35.46 19.65 17.15
C TYR D 116 35.52 18.85 18.43
N ALA D 117 36.45 17.90 18.46
CA ALA D 117 36.69 17.08 19.65
C ALA D 117 38.18 16.82 19.65
N TYR D 118 38.79 16.88 20.83
CA TYR D 118 40.21 16.62 20.94
C TYR D 118 40.38 15.41 21.85
N ASP D 119 41.17 14.46 21.35
CA ASP D 119 41.44 13.21 22.05
C ASP D 119 40.21 12.55 22.63
N GLY D 120 39.14 12.58 21.85
CA GLY D 120 37.92 11.92 22.26
C GLY D 120 36.90 12.64 23.10
N LYS D 121 37.18 13.88 23.54
CA LYS D 121 36.21 14.62 24.34
C LYS D 121 35.83 15.97 23.69
N ASP D 122 34.56 16.34 23.84
CA ASP D 122 34.05 17.59 23.29
C ASP D 122 35.12 18.68 23.41
N TYR D 123 35.28 19.51 22.39
CA TYR D 123 36.26 20.59 22.43
C TYR D 123 35.53 21.91 22.22
N ILE D 124 34.90 22.08 21.07
CA ILE D 124 34.15 23.29 20.81
C ILE D 124 33.02 22.96 19.86
N ALA D 125 31.90 23.64 20.02
CA ALA D 125 30.74 23.38 19.18
C ALA D 125 29.90 24.63 18.96
N LEU D 126 29.33 24.73 17.76
CA LEU D 126 28.46 25.85 17.46
C LEU D 126 27.11 25.57 18.13
N LYS D 127 26.49 26.56 18.77
CA LYS D 127 25.20 26.28 19.40
C LYS D 127 24.12 26.34 18.33
N GLU D 128 22.96 25.78 18.64
CA GLU D 128 21.87 25.76 17.69
C GLU D 128 21.51 27.12 17.11
N ASP D 129 21.69 28.19 17.89
CA ASP D 129 21.34 29.51 17.44
C ASP D 129 22.26 30.02 16.32
N LEU D 130 23.25 29.20 15.95
CA LEU D 130 24.20 29.50 14.89
C LEU D 130 24.90 30.85 15.06
N ARG D 131 24.86 31.40 16.26
CA ARG D 131 25.48 32.68 16.54
C ARG D 131 26.46 32.60 17.71
N SER D 132 26.45 31.52 18.46
CA SER D 132 27.34 31.40 19.62
C SER D 132 28.03 30.05 19.75
N TRP D 133 29.09 30.01 20.57
CA TRP D 133 29.88 28.80 20.76
C TRP D 133 29.89 28.21 22.18
N THR D 134 30.22 26.93 22.29
CA THR D 134 30.33 26.26 23.58
C THR D 134 31.76 25.77 23.65
N ALA D 135 32.50 26.29 24.63
CA ALA D 135 33.90 25.93 24.88
C ALA D 135 34.00 25.26 26.25
N ALA D 136 34.58 24.06 26.29
CA ALA D 136 34.73 23.31 27.55
C ALA D 136 35.97 23.75 28.36
N ASP D 137 37.13 23.52 27.77
CA ASP D 137 38.44 23.84 28.37
C ASP D 137 38.76 25.33 28.36
N MET D 138 39.87 25.67 28.99
CA MET D 138 40.32 27.05 29.02
C MET D 138 40.87 27.22 27.60
N ALA D 139 41.42 26.13 27.06
CA ALA D 139 41.97 26.11 25.70
C ALA D 139 40.83 26.34 24.71
N ALA D 140 39.70 25.66 24.89
CA ALA D 140 38.58 25.84 24.00
C ALA D 140 38.17 27.32 23.93
N GLN D 141 38.36 28.04 25.06
CA GLN D 141 38.01 29.45 25.13
C GLN D 141 38.93 30.30 24.26
N THR D 142 40.19 29.92 24.18
CA THR D 142 41.12 30.64 23.32
C THR D 142 40.62 30.49 21.89
N THR D 143 40.25 29.27 21.52
CA THR D 143 39.75 29.03 20.18
C THR D 143 38.47 29.86 19.98
N LYS D 144 37.56 29.77 20.93
CA LYS D 144 36.31 30.55 20.86
C LYS D 144 36.57 32.04 20.55
N HIS D 145 37.48 32.67 21.31
CA HIS D 145 37.76 34.11 21.07
C HIS D 145 38.29 34.28 19.65
N LYS D 146 39.19 33.39 19.23
CA LYS D 146 39.72 33.47 17.87
C LYS D 146 38.54 33.53 16.90
N TRP D 147 37.64 32.55 17.01
CA TRP D 147 36.50 32.47 16.11
C TRP D 147 35.48 33.62 16.20
N GLU D 148 35.37 34.23 17.38
CA GLU D 148 34.46 35.35 17.52
C GLU D 148 35.08 36.50 16.75
N ALA D 149 36.36 36.76 17.03
CA ALA D 149 37.06 37.87 16.36
C ALA D 149 37.01 37.77 14.85
N ALA D 150 37.13 36.55 14.31
CA ALA D 150 37.11 36.34 12.88
C ALA D 150 35.69 36.14 12.31
N HIS D 151 34.69 36.19 13.18
CA HIS D 151 33.32 36.05 12.72
C HIS D 151 33.11 34.73 11.94
N VAL D 152 33.49 33.61 12.55
CA VAL D 152 33.33 32.32 11.89
C VAL D 152 31.86 31.85 11.90
N ALA D 153 31.17 31.99 13.04
CA ALA D 153 29.76 31.57 13.12
C ALA D 153 28.93 32.15 11.96
N GLU D 154 29.14 33.42 11.65
CA GLU D 154 28.41 34.05 10.54
C GLU D 154 28.72 33.42 9.18
N GLN D 155 29.98 33.10 8.96
CA GLN D 155 30.40 32.50 7.71
C GLN D 155 29.83 31.05 7.62
N LEU D 156 29.74 30.38 8.76
CA LEU D 156 29.21 29.03 8.80
C LEU D 156 27.70 29.02 8.64
N ARG D 157 27.04 30.05 9.17
CA ARG D 157 25.59 30.14 9.06
C ARG D 157 25.13 30.11 7.59
N ALA D 158 25.77 30.93 6.75
CA ALA D 158 25.46 31.00 5.34
C ALA D 158 25.62 29.61 4.67
N TYR D 159 26.67 28.89 5.02
CA TYR D 159 26.90 27.57 4.44
C TYR D 159 25.87 26.54 4.92
N LEU D 160 25.65 26.45 6.23
CA LEU D 160 24.73 25.49 6.79
C LEU D 160 23.26 25.68 6.42
N GLU D 161 22.79 26.93 6.37
CA GLU D 161 21.41 27.22 6.01
C GLU D 161 21.26 27.39 4.49
N GLY D 162 22.39 27.52 3.81
CA GLY D 162 22.33 27.69 2.38
C GLY D 162 22.88 26.51 1.59
N THR D 163 24.15 26.63 1.23
CA THR D 163 24.87 25.63 0.46
C THR D 163 24.61 24.20 0.93
N CYS D 164 24.86 23.93 2.21
CA CYS D 164 24.64 22.59 2.76
C CYS D 164 23.25 22.09 2.40
N VAL D 165 22.22 22.88 2.70
CA VAL D 165 20.86 22.48 2.39
C VAL D 165 20.62 22.32 0.88
N GLU D 166 21.22 23.21 0.10
CA GLU D 166 21.06 23.16 -1.35
C GLU D 166 21.61 21.85 -1.96
N TRP D 167 22.84 21.52 -1.60
CA TRP D 167 23.47 20.31 -2.11
C TRP D 167 22.74 19.07 -1.58
N LEU D 168 22.33 19.11 -0.31
CA LEU D 168 21.57 18.00 0.24
C LEU D 168 20.35 17.77 -0.64
N ARG D 169 19.62 18.84 -1.00
CA ARG D 169 18.42 18.69 -1.84
C ARG D 169 18.79 18.09 -3.20
N ARG D 170 19.91 18.52 -3.77
CA ARG D 170 20.35 17.99 -5.04
C ARG D 170 20.65 16.49 -4.92
N TYR D 171 21.36 16.11 -3.87
CA TYR D 171 21.67 14.71 -3.69
C TYR D 171 20.39 13.91 -3.58
N LEU D 172 19.48 14.34 -2.69
CA LEU D 172 18.21 13.66 -2.49
C LEU D 172 17.47 13.39 -3.79
N GLU D 173 17.53 14.31 -4.75
CA GLU D 173 16.84 14.13 -6.01
C GLU D 173 17.61 13.17 -6.92
N ASN D 174 18.87 13.50 -7.20
CA ASN D 174 19.68 12.65 -8.06
C ASN D 174 19.72 11.18 -7.60
N GLY D 175 19.90 10.96 -6.31
CA GLY D 175 19.93 9.61 -5.79
C GLY D 175 18.57 9.16 -5.26
N LYS D 176 17.52 9.71 -5.85
CA LYS D 176 16.13 9.45 -5.50
C LYS D 176 15.82 7.99 -5.16
N GLU D 177 16.04 7.10 -6.11
CA GLU D 177 15.76 5.69 -5.90
C GLU D 177 16.39 5.11 -4.63
N THR D 178 17.46 5.73 -4.16
CA THR D 178 18.19 5.26 -3.01
C THR D 178 17.86 6.02 -1.74
N LEU D 179 18.19 7.31 -1.75
CA LEU D 179 17.98 8.15 -0.58
C LEU D 179 16.55 8.36 -0.15
N GLN D 180 15.61 8.35 -1.08
CA GLN D 180 14.21 8.58 -0.73
C GLN D 180 13.35 7.32 -0.66
N ARG D 181 13.94 6.14 -0.68
CA ARG D 181 13.14 4.93 -0.62
C ARG D 181 12.85 4.63 0.84
N THR D 182 11.79 3.88 1.08
CA THR D 182 11.53 3.51 2.45
C THR D 182 11.25 2.01 2.40
N ASP D 183 12.20 1.22 2.90
CA ASP D 183 12.05 -0.25 2.90
C ASP D 183 11.53 -0.84 4.21
N ALA D 184 10.26 -1.22 4.25
CA ALA D 184 9.69 -1.81 5.46
C ALA D 184 10.59 -2.94 5.91
N PRO D 185 10.77 -3.09 7.23
CA PRO D 185 11.62 -4.18 7.68
C PRO D 185 10.94 -5.54 7.48
N LYS D 186 11.73 -6.58 7.23
CA LYS D 186 11.18 -7.92 7.08
C LYS D 186 11.37 -8.52 8.47
N THR D 187 10.32 -9.10 9.04
CA THR D 187 10.43 -9.63 10.40
C THR D 187 10.14 -11.12 10.61
N HIS D 188 10.72 -11.67 11.66
CA HIS D 188 10.45 -13.06 12.00
C HIS D 188 10.94 -13.21 13.40
N MET D 189 10.45 -14.25 14.06
CA MET D 189 10.84 -14.57 15.41
C MET D 189 11.52 -15.91 15.42
N THR D 190 12.38 -16.08 16.41
CA THR D 190 13.11 -17.32 16.63
C THR D 190 12.82 -17.77 18.07
N HIS D 191 12.69 -19.08 18.26
CA HIS D 191 12.44 -19.68 19.56
C HIS D 191 13.48 -20.75 19.81
N HIS D 192 14.32 -20.58 20.83
CA HIS D 192 15.38 -21.54 21.16
C HIS D 192 15.40 -21.87 22.66
N ALA D 193 15.08 -23.12 22.98
CA ALA D 193 15.07 -23.57 24.37
C ALA D 193 16.43 -23.42 25.05
N VAL D 194 16.46 -22.67 26.14
CA VAL D 194 17.70 -22.46 26.88
C VAL D 194 17.86 -23.54 27.95
N SER D 195 16.75 -23.94 28.55
CA SER D 195 16.74 -24.98 29.59
C SER D 195 15.43 -25.76 29.51
N ASP D 196 15.02 -26.42 30.60
CA ASP D 196 13.78 -27.17 30.56
C ASP D 196 12.62 -26.29 31.03
N HIS D 197 12.94 -25.09 31.52
CA HIS D 197 11.91 -24.19 32.03
C HIS D 197 11.96 -22.77 31.47
N GLU D 198 12.84 -22.54 30.51
CA GLU D 198 12.94 -21.23 29.90
C GLU D 198 13.31 -21.36 28.43
N ALA D 199 13.00 -20.32 27.68
CA ALA D 199 13.37 -20.29 26.28
C ALA D 199 13.54 -18.84 25.88
N THR D 200 14.33 -18.62 24.84
CA THR D 200 14.53 -17.26 24.38
C THR D 200 13.70 -17.07 23.13
N LEU D 201 13.08 -15.89 23.04
CA LEU D 201 12.32 -15.47 21.86
C LEU D 201 13.11 -14.31 21.28
N ARG D 202 13.57 -14.46 20.05
CA ARG D 202 14.30 -13.38 19.40
C ARG D 202 13.44 -12.79 18.28
N CYS D 203 13.32 -11.47 18.27
CA CYS D 203 12.51 -10.81 17.26
C CYS D 203 13.39 -10.03 16.29
N TRP D 204 13.36 -10.42 15.02
CA TRP D 204 14.20 -9.78 13.99
C TRP D 204 13.57 -8.73 13.05
N ALA D 205 14.31 -7.67 12.79
CA ALA D 205 13.90 -6.63 11.85
C ALA D 205 15.10 -6.62 10.88
N LEU D 206 14.86 -6.97 9.61
CA LEU D 206 15.95 -7.06 8.64
C LEU D 206 15.64 -6.31 7.35
N SER D 207 16.69 -5.98 6.57
CA SER D 207 16.51 -5.30 5.28
C SER D 207 15.77 -3.97 5.29
N PHE D 208 15.77 -3.25 6.39
CA PHE D 208 15.04 -1.99 6.39
C PHE D 208 15.93 -0.79 6.07
N TYR D 209 15.27 0.30 5.65
CA TYR D 209 15.94 1.55 5.32
C TYR D 209 14.84 2.61 5.40
N PRO D 210 15.12 3.75 6.06
CA PRO D 210 16.34 4.17 6.75
C PRO D 210 16.53 3.39 8.03
N ALA D 211 17.64 3.64 8.72
CA ALA D 211 18.01 2.93 9.95
C ALA D 211 17.11 3.15 11.16
N GLU D 212 16.42 4.28 11.22
CA GLU D 212 15.58 4.56 12.37
C GLU D 212 14.50 3.48 12.54
N ILE D 213 14.41 2.96 13.76
CA ILE D 213 13.40 1.95 14.02
C ILE D 213 13.21 1.85 15.53
N THR D 214 12.08 1.28 15.94
CA THR D 214 11.74 1.07 17.34
C THR D 214 11.28 -0.38 17.37
N LEU D 215 11.94 -1.18 18.19
CA LEU D 215 11.67 -2.61 18.30
C LEU D 215 11.63 -2.95 19.79
N THR D 216 10.53 -3.52 20.25
CA THR D 216 10.47 -3.85 21.67
C THR D 216 9.67 -5.10 21.96
N TRP D 217 9.83 -5.61 23.17
CA TRP D 217 9.06 -6.75 23.60
C TRP D 217 8.16 -6.26 24.71
N GLN D 218 7.01 -6.89 24.82
CA GLN D 218 6.01 -6.55 25.83
C GLN D 218 5.44 -7.83 26.40
N ARG D 219 5.15 -7.83 27.70
CA ARG D 219 4.54 -8.99 28.34
C ARG D 219 3.16 -8.48 28.81
N ASP D 220 2.08 -9.08 28.31
CA ASP D 220 0.74 -8.62 28.65
C ASP D 220 0.55 -7.15 28.27
N GLY D 221 1.31 -6.69 27.27
CA GLY D 221 1.21 -5.30 26.83
C GLY D 221 1.96 -4.31 27.70
N GLU D 222 2.77 -4.80 28.63
CA GLU D 222 3.53 -3.92 29.53
C GLU D 222 5.03 -3.93 29.23
N ASP D 223 5.68 -2.85 29.63
CA ASP D 223 7.11 -2.62 29.50
C ASP D 223 7.96 -3.83 29.90
N GLN D 224 9.01 -4.11 29.12
CA GLN D 224 9.93 -5.21 29.37
C GLN D 224 11.34 -4.72 29.04
N THR D 225 11.48 -3.40 28.96
CA THR D 225 12.76 -2.77 28.66
C THR D 225 13.95 -3.38 29.38
N GLN D 226 13.90 -3.38 30.72
CA GLN D 226 14.97 -3.90 31.55
C GLN D 226 15.23 -5.39 31.37
N ASP D 227 14.28 -6.10 30.79
CA ASP D 227 14.44 -7.53 30.58
C ASP D 227 14.57 -7.87 29.10
N THR D 228 14.98 -6.92 28.29
CA THR D 228 15.10 -7.15 26.86
C THR D 228 16.53 -6.91 26.41
N GLU D 229 17.07 -7.84 25.64
CA GLU D 229 18.41 -7.66 25.10
C GLU D 229 18.10 -7.11 23.73
N LEU D 230 18.55 -5.88 23.52
CA LEU D 230 18.32 -5.13 22.30
C LEU D 230 19.65 -4.70 21.72
N VAL D 231 20.02 -5.23 20.55
CA VAL D 231 21.32 -4.86 19.98
C VAL D 231 21.30 -3.58 19.18
N GLU D 232 22.44 -2.92 19.12
CA GLU D 232 22.58 -1.69 18.35
C GLU D 232 22.11 -1.93 16.90
N THR D 233 21.44 -0.95 16.29
CA THR D 233 21.05 -1.10 14.90
C THR D 233 22.36 -1.25 14.10
N ARG D 234 22.41 -2.18 13.14
CA ARG D 234 23.65 -2.42 12.39
C ARG D 234 23.47 -2.55 10.88
N PRO D 235 24.47 -2.10 10.09
CA PRO D 235 24.43 -2.16 8.62
C PRO D 235 24.64 -3.58 8.10
N ALA D 236 23.81 -3.95 7.14
CA ALA D 236 23.90 -5.27 6.53
C ALA D 236 25.06 -5.26 5.50
N GLY D 237 25.40 -4.08 5.02
CA GLY D 237 26.49 -3.95 4.07
C GLY D 237 26.02 -3.72 2.65
N ASP D 238 24.70 -3.79 2.46
CA ASP D 238 24.11 -3.61 1.14
C ASP D 238 23.23 -2.37 1.10
N GLY D 239 23.32 -1.53 2.14
CA GLY D 239 22.51 -0.32 2.17
C GLY D 239 21.33 -0.41 3.11
N THR D 240 21.00 -1.61 3.58
CA THR D 240 19.88 -1.79 4.50
C THR D 240 20.42 -1.96 5.91
N PHE D 241 19.54 -2.15 6.90
CA PHE D 241 19.98 -2.29 8.29
C PHE D 241 19.27 -3.48 8.97
N GLN D 242 19.80 -3.90 10.12
CA GLN D 242 19.21 -5.00 10.89
C GLN D 242 19.21 -4.68 12.39
N LYS D 243 18.34 -5.34 13.13
CA LYS D 243 18.26 -5.18 14.58
C LYS D 243 17.45 -6.34 15.15
N TRP D 244 17.69 -6.70 16.39
CA TRP D 244 16.86 -7.73 17.00
C TRP D 244 16.74 -7.46 18.48
N ALA D 245 15.69 -8.00 19.07
CA ALA D 245 15.46 -7.85 20.49
C ALA D 245 15.06 -9.24 21.00
N ALA D 246 15.54 -9.62 22.19
CA ALA D 246 15.21 -10.91 22.76
C ALA D 246 14.86 -10.86 24.24
N VAL D 247 13.96 -11.75 24.66
CA VAL D 247 13.57 -11.85 26.07
C VAL D 247 13.60 -13.32 26.42
N VAL D 248 13.97 -13.64 27.66
CA VAL D 248 13.98 -15.02 28.13
C VAL D 248 12.60 -15.29 28.70
N VAL D 249 11.87 -16.20 28.06
CA VAL D 249 10.49 -16.54 28.46
C VAL D 249 10.31 -17.77 29.35
N PRO D 250 9.64 -17.65 30.50
CA PRO D 250 9.41 -18.79 31.40
C PRO D 250 8.55 -19.74 30.60
N SER D 251 8.75 -21.02 30.84
CA SER D 251 7.99 -22.09 30.15
C SER D 251 6.48 -21.85 30.18
N GLY D 252 5.87 -22.05 29.04
CA GLY D 252 4.43 -21.88 28.94
C GLY D 252 3.86 -20.45 28.88
N GLN D 253 4.70 -19.42 28.75
CA GLN D 253 4.24 -18.04 28.69
C GLN D 253 4.56 -17.35 27.37
N GLU D 254 4.85 -18.11 26.31
CA GLU D 254 5.16 -17.48 25.02
C GLU D 254 4.01 -16.58 24.54
N GLN D 255 2.78 -16.99 24.78
CA GLN D 255 1.63 -16.19 24.37
C GLN D 255 1.49 -14.83 25.06
N ARG D 256 2.11 -14.63 26.23
CA ARG D 256 1.99 -13.35 26.93
C ARG D 256 2.85 -12.27 26.26
N TYR D 257 3.86 -12.71 25.51
CA TYR D 257 4.77 -11.79 24.87
C TYR D 257 4.46 -11.36 23.43
N THR D 258 4.65 -10.06 23.18
CA THR D 258 4.42 -9.49 21.87
C THR D 258 5.66 -8.68 21.44
N CYS D 259 6.00 -8.76 20.16
CA CYS D 259 7.13 -7.99 19.62
C CYS D 259 6.54 -6.81 18.86
N HIS D 260 7.01 -5.60 19.15
CA HIS D 260 6.50 -4.40 18.48
C HIS D 260 7.51 -3.71 17.59
N VAL D 261 7.05 -3.32 16.41
CA VAL D 261 7.93 -2.68 15.43
C VAL D 261 7.33 -1.42 14.83
N GLN D 262 8.10 -0.33 14.90
CA GLN D 262 7.73 0.93 14.31
C GLN D 262 8.80 1.29 13.28
N HIS D 263 8.36 1.57 12.06
CA HIS D 263 9.27 1.97 10.98
C HIS D 263 8.48 2.80 9.99
N GLU D 264 9.17 3.78 9.43
CA GLU D 264 8.57 4.68 8.47
C GLU D 264 8.04 3.91 7.26
N GLY D 265 8.54 2.71 7.05
CA GLY D 265 8.09 1.94 5.92
C GLY D 265 6.85 1.13 6.23
N LEU D 266 6.37 1.22 7.47
CA LEU D 266 5.18 0.48 7.89
C LEU D 266 4.00 1.40 8.14
N PRO D 267 2.93 1.22 7.34
CA PRO D 267 1.72 2.04 7.50
C PRO D 267 1.26 2.01 8.95
N LYS D 268 1.08 0.81 9.49
CA LYS D 268 0.68 0.62 10.90
C LYS D 268 1.85 -0.06 11.63
N PRO D 269 1.97 0.17 12.95
CA PRO D 269 3.06 -0.46 13.70
C PRO D 269 2.78 -1.96 13.72
N LEU D 270 3.82 -2.79 13.82
CA LEU D 270 3.63 -4.23 13.85
C LEU D 270 3.54 -4.80 15.24
N THR D 271 2.63 -5.74 15.41
CA THR D 271 2.47 -6.43 16.67
C THR D 271 2.54 -7.90 16.34
N LEU D 272 3.67 -8.51 16.69
CA LEU D 272 3.91 -9.91 16.44
C LEU D 272 3.81 -10.66 17.77
N ARG D 273 3.48 -11.93 17.70
CA ARG D 273 3.33 -12.78 18.85
C ARG D 273 3.69 -14.18 18.37
N TRP D 274 4.35 -14.96 19.21
CA TRP D 274 4.75 -16.31 18.83
C TRP D 274 3.54 -17.21 19.08
N GLU D 275 3.11 -17.94 18.05
CA GLU D 275 1.97 -18.83 18.20
C GLU D 275 1.72 -19.71 16.98
N MET E 1 44.17 9.83 29.00
CA MET E 1 43.21 10.24 27.95
C MET E 1 42.08 9.22 27.85
N ILE E 2 41.03 9.61 27.13
CA ILE E 2 39.87 8.77 26.91
C ILE E 2 40.20 7.50 26.14
N GLN E 3 39.64 6.38 26.60
CA GLN E 3 39.82 5.09 25.95
C GLN E 3 38.46 4.43 26.15
N ARG E 4 37.82 4.04 25.05
CA ARG E 4 36.51 3.37 25.11
C ARG E 4 36.62 2.04 24.38
N THR E 5 36.04 1.02 25.00
CA THR E 5 36.10 -0.31 24.46
C THR E 5 35.16 -0.52 23.29
N PRO E 6 35.63 -1.23 22.27
CA PRO E 6 34.72 -1.44 21.15
C PRO E 6 33.64 -2.46 21.46
N LYS E 7 32.47 -2.25 20.85
CA LYS E 7 31.39 -3.18 20.99
C LYS E 7 31.56 -3.98 19.72
N ILE E 8 31.27 -5.27 19.80
CA ILE E 8 31.44 -6.13 18.65
C ILE E 8 30.22 -6.92 18.31
N GLN E 9 29.83 -6.86 17.05
CA GLN E 9 28.71 -7.65 16.54
C GLN E 9 29.21 -8.37 15.27
N VAL E 10 29.07 -9.70 15.25
CA VAL E 10 29.47 -10.50 14.11
C VAL E 10 28.23 -11.22 13.61
N TYR E 11 27.89 -11.02 12.34
CA TYR E 11 26.67 -11.57 11.74
C TYR E 11 26.74 -11.63 10.21
N SER E 12 25.76 -12.26 9.60
CA SER E 12 25.72 -12.36 8.13
C SER E 12 24.72 -11.34 7.56
N ARG E 13 24.98 -10.86 6.35
CA ARG E 13 24.12 -9.89 5.65
C ARG E 13 22.70 -10.41 5.46
N HIS E 14 22.60 -11.67 5.00
CA HIS E 14 21.35 -12.35 4.76
C HIS E 14 21.23 -13.51 5.72
N PRO E 15 19.99 -13.93 6.01
CA PRO E 15 19.83 -15.07 6.93
C PRO E 15 20.64 -16.21 6.30
N ALA E 16 21.48 -16.88 7.08
CA ALA E 16 22.34 -17.95 6.56
C ALA E 16 21.60 -19.20 6.09
N GLU E 17 21.92 -19.64 4.88
CA GLU E 17 21.33 -20.86 4.30
C GLU E 17 22.53 -21.64 3.82
N ASN E 18 22.71 -22.86 4.31
CA ASN E 18 23.90 -23.61 3.90
C ASN E 18 24.03 -23.70 2.39
N GLY E 19 25.28 -23.61 1.92
CA GLY E 19 25.56 -23.67 0.50
C GLY E 19 25.22 -22.45 -0.33
N LYS E 20 24.74 -21.37 0.28
CA LYS E 20 24.39 -20.17 -0.47
C LYS E 20 25.22 -18.93 -0.13
N SER E 21 25.59 -18.15 -1.16
CA SER E 21 26.39 -16.93 -1.04
C SER E 21 25.91 -15.94 0.01
N ASN E 22 26.85 -15.26 0.67
CA ASN E 22 26.48 -14.30 1.72
C ASN E 22 27.70 -13.42 2.03
N PHE E 23 27.59 -12.63 3.08
CA PHE E 23 28.69 -11.78 3.51
C PHE E 23 28.71 -11.89 5.02
N LEU E 24 29.90 -12.15 5.55
CA LEU E 24 30.11 -12.26 6.98
C LEU E 24 30.55 -10.88 7.46
N ASN E 25 29.78 -10.27 8.34
CA ASN E 25 30.11 -8.92 8.85
C ASN E 25 30.60 -8.90 10.28
N CYS E 26 31.44 -7.92 10.59
CA CYS E 26 31.92 -7.68 11.95
C CYS E 26 31.91 -6.17 12.09
N TYR E 27 30.95 -5.68 12.88
CA TYR E 27 30.71 -4.28 13.15
C TYR E 27 31.30 -3.88 14.48
N VAL E 28 32.29 -2.99 14.46
CA VAL E 28 32.89 -2.52 15.71
C VAL E 28 32.53 -1.05 15.87
N SER E 29 32.05 -0.68 17.05
CA SER E 29 31.61 0.67 17.34
C SER E 29 31.96 1.16 18.76
N GLY E 30 31.68 2.44 19.01
CA GLY E 30 31.94 3.04 20.33
C GLY E 30 33.35 2.99 20.88
N PHE E 31 34.36 2.83 20.02
CA PHE E 31 35.71 2.77 20.53
C PHE E 31 36.51 4.06 20.32
N HIS E 32 37.62 4.15 21.04
CA HIS E 32 38.47 5.31 20.95
C HIS E 32 39.66 4.96 21.80
N PRO E 33 40.88 5.25 21.33
CA PRO E 33 41.26 5.89 20.05
C PRO E 33 40.92 5.05 18.82
N SER E 34 41.28 5.53 17.62
CA SER E 34 40.92 4.81 16.40
C SER E 34 41.71 3.56 16.00
N ASP E 35 42.96 3.46 16.42
CA ASP E 35 43.75 2.27 16.10
C ASP E 35 43.02 1.06 16.65
N ILE E 36 42.74 0.11 15.77
CA ILE E 36 42.04 -1.11 16.14
C ILE E 36 42.44 -2.21 15.13
N GLU E 37 42.46 -3.43 15.61
CA GLU E 37 42.85 -4.56 14.79
C GLU E 37 41.61 -5.41 14.75
N VAL E 38 41.15 -5.72 13.54
CA VAL E 38 39.94 -6.52 13.38
C VAL E 38 40.12 -7.60 12.33
N ASP E 39 39.95 -8.85 12.74
CA ASP E 39 40.06 -9.98 11.82
C ASP E 39 38.84 -10.87 11.84
N LEU E 40 38.56 -11.51 10.71
CA LEU E 40 37.45 -12.49 10.59
C LEU E 40 38.16 -13.86 10.46
N LEU E 41 37.70 -14.86 11.19
CA LEU E 41 38.31 -16.20 11.14
C LEU E 41 37.35 -17.32 10.74
N LYS E 42 37.86 -18.23 9.91
CA LYS E 42 37.10 -19.37 9.43
C LYS E 42 37.78 -20.61 10.00
N ASN E 43 37.13 -21.26 10.97
CA ASN E 43 37.68 -22.45 11.60
C ASN E 43 39.04 -22.14 12.20
N GLY E 44 39.20 -20.90 12.68
CA GLY E 44 40.45 -20.51 13.29
C GLY E 44 41.45 -19.78 12.40
N GLU E 45 41.29 -19.86 11.09
CA GLU E 45 42.23 -19.18 10.22
C GLU E 45 41.77 -17.78 9.82
N ARG E 46 42.67 -16.82 10.00
CA ARG E 46 42.44 -15.41 9.64
C ARG E 46 42.10 -15.40 8.17
N ILE E 47 40.97 -14.79 7.82
CA ILE E 47 40.57 -14.73 6.41
C ILE E 47 41.30 -13.58 5.73
N GLU E 48 41.87 -13.86 4.57
CA GLU E 48 42.63 -12.85 3.82
C GLU E 48 41.88 -11.70 3.19
N LYS E 49 40.90 -12.01 2.37
CA LYS E 49 40.20 -10.95 1.70
C LYS E 49 39.07 -10.32 2.50
N VAL E 50 39.45 -9.50 3.48
CA VAL E 50 38.45 -8.81 4.29
C VAL E 50 38.58 -7.30 4.08
N GLU E 51 37.48 -6.68 3.68
CA GLU E 51 37.47 -5.23 3.45
C GLU E 51 36.74 -4.52 4.57
N HIS E 52 36.94 -3.21 4.66
CA HIS E 52 36.26 -2.45 5.69
C HIS E 52 35.88 -1.05 5.23
N SER E 53 34.83 -0.52 5.86
CA SER E 53 34.34 0.81 5.57
C SER E 53 35.36 1.87 6.01
N ASP E 54 35.16 3.10 5.54
CA ASP E 54 36.04 4.19 5.89
C ASP E 54 35.77 4.62 7.31
N LEU E 55 36.82 4.89 8.06
CA LEU E 55 36.68 5.31 9.45
C LEU E 55 35.70 6.46 9.58
N SER E 56 34.72 6.28 10.48
CA SER E 56 33.74 7.32 10.76
C SER E 56 33.44 7.32 12.26
N PHE E 57 32.65 8.28 12.74
CA PHE E 57 32.34 8.33 14.17
C PHE E 57 30.94 8.78 14.48
N SER E 58 30.50 8.48 15.69
CA SER E 58 29.14 8.82 16.12
C SER E 58 29.06 10.20 16.75
N LYS E 59 27.87 10.58 17.18
CA LYS E 59 27.72 11.91 17.76
C LYS E 59 28.58 12.08 19.01
N ASP E 60 28.81 11.00 19.73
CA ASP E 60 29.64 11.07 20.94
C ASP E 60 31.15 11.02 20.63
N TRP E 61 31.50 11.05 19.33
CA TRP E 61 32.89 11.03 18.83
C TRP E 61 33.51 9.61 18.77
N SER E 62 32.84 8.63 19.35
CA SER E 62 33.37 7.27 19.37
C SER E 62 33.30 6.72 17.94
N PHE E 63 34.33 5.97 17.58
CA PHE E 63 34.48 5.42 16.23
C PHE E 63 33.71 4.17 15.93
N TYR E 64 33.54 3.88 14.65
CA TYR E 64 32.89 2.64 14.22
C TYR E 64 33.36 2.31 12.82
N LEU E 65 33.46 0.99 12.57
CA LEU E 65 33.90 0.43 11.29
C LEU E 65 33.11 -0.83 10.96
N LEU E 66 32.93 -1.11 9.69
CA LEU E 66 32.24 -2.33 9.28
C LEU E 66 33.24 -3.17 8.50
N TYR E 67 33.56 -4.35 9.01
CA TYR E 67 34.48 -5.28 8.36
C TYR E 67 33.62 -6.38 7.73
N TYR E 68 33.90 -6.73 6.48
CA TYR E 68 33.09 -7.74 5.80
C TYR E 68 33.80 -8.55 4.74
N THR E 69 33.33 -9.78 4.55
CA THR E 69 33.90 -10.65 3.53
C THR E 69 32.81 -11.58 2.94
N GLU E 70 33.03 -12.05 1.72
CA GLU E 70 32.10 -12.93 1.04
C GLU E 70 32.33 -14.32 1.58
N PHE E 71 31.24 -15.03 1.88
CA PHE E 71 31.36 -16.40 2.35
C PHE E 71 30.09 -17.15 2.04
N THR E 72 30.20 -18.47 2.06
CA THR E 72 29.07 -19.37 1.83
C THR E 72 29.04 -20.27 3.08
N PRO E 73 28.15 -19.97 4.04
CA PRO E 73 28.08 -20.80 5.24
C PRO E 73 27.76 -22.26 4.95
N THR E 74 28.24 -23.16 5.81
CA THR E 74 27.93 -24.60 5.66
C THR E 74 27.49 -25.00 7.06
N GLU E 75 27.09 -26.26 7.22
CA GLU E 75 26.66 -26.74 8.52
C GLU E 75 27.82 -26.83 9.50
N LYS E 76 28.95 -27.37 9.06
CA LYS E 76 30.10 -27.54 9.94
C LYS E 76 31.10 -26.37 10.11
N ASP E 77 31.18 -25.43 9.17
CA ASP E 77 32.15 -24.36 9.32
C ASP E 77 31.82 -23.34 10.39
N GLU E 78 32.80 -23.04 11.23
CA GLU E 78 32.66 -22.08 12.30
C GLU E 78 33.38 -20.78 11.92
N TYR E 79 32.76 -19.63 12.22
CA TYR E 79 33.37 -18.33 11.93
C TYR E 79 33.37 -17.47 13.21
N ALA E 80 34.26 -16.49 13.27
CA ALA E 80 34.35 -15.59 14.41
C ALA E 80 35.06 -14.33 14.00
N CYS E 81 34.96 -13.31 14.86
CA CYS E 81 35.59 -12.00 14.68
C CYS E 81 36.52 -11.87 15.87
N ARG E 82 37.75 -11.42 15.65
CA ARG E 82 38.72 -11.26 16.73
C ARG E 82 39.16 -9.80 16.72
N VAL E 83 39.08 -9.15 17.88
CA VAL E 83 39.45 -7.75 17.94
C VAL E 83 40.51 -7.46 18.97
N ASN E 84 41.44 -6.59 18.58
CA ASN E 84 42.52 -6.16 19.44
C ASN E 84 42.39 -4.64 19.48
N HIS E 85 42.58 -4.06 20.67
CA HIS E 85 42.47 -2.61 20.86
C HIS E 85 43.09 -2.27 22.22
N VAL E 86 43.55 -1.02 22.41
CA VAL E 86 44.25 -0.66 23.66
C VAL E 86 43.42 -0.95 24.89
N THR E 87 42.10 -0.95 24.77
CA THR E 87 41.23 -1.26 25.93
C THR E 87 41.12 -2.76 26.22
N LEU E 88 41.70 -3.59 25.36
CA LEU E 88 41.56 -5.04 25.57
C LEU E 88 42.88 -5.70 25.98
N SER E 89 42.95 -6.13 27.24
CA SER E 89 44.14 -6.77 27.75
C SER E 89 44.46 -8.01 26.92
N GLN E 90 43.45 -8.53 26.24
CA GLN E 90 43.64 -9.68 25.36
C GLN E 90 42.72 -9.62 24.19
N PRO E 91 43.10 -10.24 23.08
CA PRO E 91 42.21 -10.18 21.92
C PRO E 91 40.84 -10.75 22.28
N LYS E 92 39.79 -10.04 21.85
CA LYS E 92 38.42 -10.45 22.12
C LYS E 92 37.84 -11.17 20.91
N ILE E 93 37.43 -12.43 21.13
CA ILE E 93 36.86 -13.25 20.07
C ILE E 93 35.38 -13.50 20.26
N VAL E 94 34.61 -13.24 19.22
CA VAL E 94 33.17 -13.43 19.28
C VAL E 94 32.78 -14.40 18.16
N LYS E 95 32.18 -15.51 18.53
CA LYS E 95 31.80 -16.53 17.58
C LYS E 95 30.59 -16.10 16.78
N TRP E 96 30.57 -16.43 15.50
CA TRP E 96 29.43 -16.10 14.68
C TRP E 96 28.35 -17.13 15.04
N ASP E 97 27.14 -16.64 15.31
CA ASP E 97 25.99 -17.49 15.64
C ASP E 97 24.97 -17.07 14.60
N ARG E 98 24.52 -17.98 13.73
CA ARG E 98 23.59 -17.56 12.70
C ARG E 98 22.30 -16.91 13.17
N ASP E 99 21.93 -17.10 14.44
CA ASP E 99 20.70 -16.46 14.95
C ASP E 99 21.02 -15.33 15.92
N MET E 100 22.01 -14.52 15.57
CA MET E 100 22.40 -13.37 16.37
C MET E 100 23.05 -12.26 15.54
N LEU F 1 31.17 20.74 0.90
CA LEU F 1 32.31 21.04 1.82
C LEU F 1 32.45 22.52 2.06
N PHE F 2 32.57 22.93 3.33
CA PHE F 2 32.74 24.35 3.67
C PHE F 2 34.00 24.79 2.91
N GLY F 3 34.07 26.06 2.49
CA GLY F 3 35.23 26.46 1.71
C GLY F 3 36.18 27.51 2.26
N TYR F 4 36.11 27.73 3.56
CA TYR F 4 36.98 28.71 4.19
C TYR F 4 37.80 28.01 5.26
N PRO F 5 39.09 28.34 5.32
CA PRO F 5 39.99 27.73 6.29
C PRO F 5 39.53 28.00 7.70
N VAL F 6 39.56 26.99 8.54
CA VAL F 6 39.21 27.22 9.92
C VAL F 6 40.32 26.61 10.74
N TYR F 7 40.88 27.41 11.63
CA TYR F 7 41.96 26.97 12.50
C TYR F 7 41.53 27.17 13.94
N VAL F 8 41.80 26.18 14.78
CA VAL F 8 41.47 26.29 16.19
C VAL F 8 42.61 27.11 16.82
#